data_8V8R
#
_entry.id   8V8R
#
_cell.length_a   168.509
_cell.length_b   61.759
_cell.length_c   75.725
_cell.angle_alpha   90.000
_cell.angle_beta   113.407
_cell.angle_gamma   90.000
#
_symmetry.space_group_name_H-M   'C 1 2 1'
#
loop_
_entity.id
_entity.type
_entity.pdbx_description
1 polymer 'Enamine/imine deaminase'
2 water water
#
_entity_poly.entity_id   1
_entity_poly.type   'polypeptide(L)'
_entity_poly.pdbx_seq_one_letter_code
;MAKTIHTDKAPAAIGPYVQGKIVGNLLFASGQIPLSPETGEIIGTTIEEQTQQVLKNVSAILEAAGTDFDHVVKATCFLS
DINDFVAFNEVYKTAFTEAFPARSAVEVARLPKDVKIEIEVIAEIL
;
_entity_poly.pdbx_strand_id   A,B,C,D,E,F
#
# COMPACT_ATOMS: atom_id res chain seq x y z
N ALA A 2 -3.63 -7.72 38.84
CA ALA A 2 -3.51 -8.52 40.05
C ALA A 2 -2.98 -9.92 39.74
N LYS A 3 -3.72 -10.65 38.89
CA LYS A 3 -3.36 -12.01 38.53
C LYS A 3 -2.47 -12.01 37.29
N THR A 4 -1.38 -12.77 37.36
CA THR A 4 -0.49 -12.94 36.22
C THR A 4 -0.87 -14.20 35.45
N ILE A 5 -0.56 -14.21 34.16
CA ILE A 5 -0.83 -15.34 33.28
C ILE A 5 0.45 -16.15 33.14
N HIS A 6 0.34 -17.46 33.37
CA HIS A 6 1.45 -18.39 33.20
C HIS A 6 0.95 -19.61 32.45
N THR A 7 1.54 -19.88 31.29
CA THR A 7 1.19 -21.07 30.52
C THR A 7 2.40 -21.50 29.71
N ASP A 8 2.58 -22.81 29.59
CA ASP A 8 3.68 -23.35 28.80
C ASP A 8 3.36 -23.42 27.31
N LYS A 9 2.16 -23.01 26.90
CA LYS A 9 1.77 -23.06 25.50
C LYS A 9 2.01 -21.75 24.77
N ALA A 10 2.55 -20.75 25.45
CA ALA A 10 3.08 -19.53 24.85
C ALA A 10 4.55 -19.42 25.23
N PRO A 11 5.34 -18.67 24.48
CA PRO A 11 6.76 -18.52 24.82
C PRO A 11 6.94 -18.02 26.25
N ALA A 12 7.93 -18.58 26.93
CA ALA A 12 8.16 -18.25 28.34
C ALA A 12 8.54 -16.79 28.50
N ALA A 13 8.00 -16.16 29.54
CA ALA A 13 8.36 -14.78 29.86
C ALA A 13 9.78 -14.76 30.42
N ILE A 14 10.73 -14.36 29.58
CA ILE A 14 12.13 -14.27 29.96
C ILE A 14 12.45 -12.81 30.28
N GLY A 15 12.80 -12.53 31.53
CA GLY A 15 13.14 -11.19 31.93
C GLY A 15 12.07 -10.54 32.78
N PRO A 16 12.09 -9.21 32.86
CA PRO A 16 11.18 -8.49 33.77
C PRO A 16 9.81 -8.21 33.14
N TYR A 17 9.09 -9.28 32.80
CA TYR A 17 7.74 -9.15 32.28
C TYR A 17 7.04 -10.49 32.40
N VAL A 18 5.72 -10.47 32.25
CA VAL A 18 4.89 -11.67 32.31
C VAL A 18 4.12 -11.80 31.00
N GLN A 19 3.66 -13.03 30.73
CA GLN A 19 2.91 -13.27 29.50
C GLN A 19 1.63 -12.44 29.45
N GLY A 20 0.97 -12.27 30.59
CA GLY A 20 -0.23 -11.46 30.64
C GLY A 20 -0.57 -11.10 32.07
N LYS A 21 -1.37 -10.04 32.21
CA LYS A 21 -1.84 -9.61 33.52
C LYS A 21 -3.29 -9.16 33.41
N ILE A 22 -4.09 -9.52 34.40
CA ILE A 22 -5.51 -9.25 34.43
C ILE A 22 -5.79 -8.21 35.51
N VAL A 23 -6.60 -7.21 35.16
CA VAL A 23 -7.15 -6.26 36.12
C VAL A 23 -8.63 -6.13 35.82
N GLY A 24 -9.46 -6.37 36.84
CA GLY A 24 -10.90 -6.37 36.62
C GLY A 24 -11.29 -7.48 35.65
N ASN A 25 -12.02 -7.10 34.60
CA ASN A 25 -12.42 -8.04 33.55
C ASN A 25 -11.62 -7.85 32.27
N LEU A 26 -10.43 -7.28 32.36
CA LEU A 26 -9.59 -7.01 31.20
C LEU A 26 -8.30 -7.81 31.30
N LEU A 27 -7.93 -8.45 30.20
CA LEU A 27 -6.63 -9.07 30.05
C LEU A 27 -5.73 -8.16 29.23
N PHE A 28 -4.57 -7.82 29.78
CA PHE A 28 -3.51 -7.13 29.05
C PHE A 28 -2.44 -8.15 28.76
N ALA A 29 -2.38 -8.61 27.51
CA ALA A 29 -1.39 -9.60 27.10
C ALA A 29 -0.14 -8.92 26.56
N SER A 30 1.00 -9.54 26.81
CA SER A 30 2.26 -9.02 26.29
C SER A 30 2.33 -9.22 24.78
N GLY A 31 3.04 -8.30 24.12
CA GLY A 31 3.27 -8.40 22.69
C GLY A 31 3.93 -9.72 22.33
N GLN A 32 3.32 -10.46 21.41
CA GLN A 32 3.78 -11.81 21.07
C GLN A 32 4.50 -11.80 19.73
N ILE A 33 5.62 -12.49 19.68
CA ILE A 33 6.42 -12.61 18.46
C ILE A 33 6.39 -14.08 18.02
N PRO A 34 6.74 -14.40 16.77
CA PRO A 34 6.58 -15.78 16.31
C PRO A 34 7.61 -16.74 16.89
N LEU A 35 7.72 -16.78 18.22
CA LEU A 35 8.59 -17.72 18.91
C LEU A 35 7.85 -19.03 19.15
N SER A 36 8.57 -20.14 19.01
CA SER A 36 8.00 -21.43 19.35
C SER A 36 8.10 -21.65 20.86
N PRO A 37 6.99 -21.96 21.53
CA PRO A 37 7.07 -22.27 22.97
C PRO A 37 7.72 -23.60 23.27
N GLU A 38 7.97 -24.42 22.27
CA GLU A 38 8.64 -25.71 22.46
C GLU A 38 10.15 -25.60 22.28
N THR A 39 10.60 -24.92 21.22
CA THR A 39 12.01 -24.88 20.87
C THR A 39 12.68 -23.54 21.14
N GLY A 40 11.92 -22.46 21.23
CA GLY A 40 12.52 -21.15 21.42
C GLY A 40 13.06 -20.52 20.17
N GLU A 41 12.86 -21.13 19.01
CA GLU A 41 13.33 -20.59 17.73
C GLU A 41 12.20 -19.83 17.04
N ILE A 42 12.61 -18.94 16.13
CA ILE A 42 11.64 -18.22 15.31
C ILE A 42 11.00 -19.19 14.32
N ILE A 43 9.69 -19.21 14.28
CA ILE A 43 8.93 -20.10 13.40
C ILE A 43 8.56 -19.33 12.14
N GLY A 44 9.00 -19.84 10.99
CA GLY A 44 8.61 -19.26 9.72
C GLY A 44 9.53 -18.15 9.26
N THR A 45 9.67 -18.05 7.94
CA THR A 45 10.45 -16.99 7.31
C THR A 45 9.60 -16.02 6.52
N THR A 46 8.30 -16.25 6.45
CA THR A 46 7.37 -15.38 5.74
C THR A 46 6.41 -14.73 6.73
N ILE A 47 5.76 -13.66 6.28
CA ILE A 47 4.80 -12.97 7.13
C ILE A 47 3.63 -13.87 7.46
N GLU A 48 3.23 -14.75 6.53
CA GLU A 48 2.13 -15.67 6.80
C GLU A 48 2.50 -16.67 7.89
N GLU A 49 3.65 -17.32 7.75
CA GLU A 49 4.03 -18.34 8.72
C GLU A 49 4.33 -17.74 10.08
N GLN A 50 4.91 -16.53 10.12
CA GLN A 50 5.16 -15.89 11.40
C GLN A 50 3.87 -15.45 12.07
N THR A 51 2.94 -14.86 11.30
CA THR A 51 1.67 -14.44 11.86
C THR A 51 0.92 -15.62 12.47
N GLN A 52 0.98 -16.78 11.82
CA GLN A 52 0.29 -17.95 12.36
C GLN A 52 0.85 -18.34 13.72
N GLN A 53 2.17 -18.23 13.90
CA GLN A 53 2.77 -18.58 15.19
C GLN A 53 2.39 -17.57 16.27
N VAL A 54 2.34 -16.29 15.91
CA VAL A 54 1.92 -15.26 16.87
C VAL A 54 0.48 -15.52 17.33
N LEU A 55 -0.39 -15.89 16.39
CA LEU A 55 -1.78 -16.19 16.75
C LEU A 55 -1.86 -17.37 17.71
N LYS A 56 -1.06 -18.41 17.48
CA LYS A 56 -1.02 -19.53 18.41
C LYS A 56 -0.56 -19.10 19.79
N ASN A 57 0.46 -18.24 19.84
CA ASN A 57 0.96 -17.75 21.12
C ASN A 57 -0.08 -16.90 21.83
N VAL A 58 -0.74 -16.00 21.10
CA VAL A 58 -1.79 -15.17 21.70
C VAL A 58 -2.94 -16.05 22.17
N SER A 59 -3.32 -17.03 21.36
CA SER A 59 -4.44 -17.91 21.72
C SER A 59 -4.16 -18.63 23.04
N ALA A 60 -2.92 -19.06 23.24
CA ALA A 60 -2.59 -19.76 24.49
C ALA A 60 -2.74 -18.86 25.69
N ILE A 61 -2.35 -17.59 25.56
CA ILE A 61 -2.51 -16.63 26.66
C ILE A 61 -3.98 -16.35 26.90
N LEU A 62 -4.74 -16.13 25.83
CA LEU A 62 -6.19 -15.96 25.96
C LEU A 62 -6.83 -17.14 26.67
N GLU A 63 -6.47 -18.36 26.28
CA GLU A 63 -7.04 -19.54 26.90
C GLU A 63 -6.68 -19.61 28.38
N ALA A 64 -5.42 -19.32 28.71
CA ALA A 64 -5.02 -19.32 30.12
C ALA A 64 -5.74 -18.24 30.91
N ALA A 65 -6.23 -17.20 30.25
CA ALA A 65 -6.97 -16.14 30.92
C ALA A 65 -8.48 -16.38 30.96
N GLY A 66 -8.94 -17.49 30.40
CA GLY A 66 -10.37 -17.77 30.38
C GLY A 66 -11.16 -16.98 29.36
N THR A 67 -10.55 -16.65 28.22
CA THR A 67 -11.23 -15.92 27.16
C THR A 67 -10.73 -16.44 25.82
N ASP A 68 -11.20 -15.82 24.73
CA ASP A 68 -10.87 -16.28 23.38
C ASP A 68 -10.64 -15.07 22.48
N PHE A 69 -10.35 -15.34 21.20
CA PHE A 69 -10.08 -14.28 20.25
C PHE A 69 -11.31 -13.42 20.00
N ASP A 70 -12.50 -14.01 20.02
CA ASP A 70 -13.72 -13.24 19.76
C ASP A 70 -14.01 -12.22 20.85
N HIS A 71 -13.35 -12.30 21.99
CA HIS A 71 -13.53 -11.34 23.07
C HIS A 71 -12.33 -10.43 23.27
N VAL A 72 -11.37 -10.45 22.32
CA VAL A 72 -10.35 -9.41 22.28
C VAL A 72 -11.04 -8.09 21.96
N VAL A 73 -10.71 -7.06 22.73
CA VAL A 73 -11.30 -5.74 22.52
C VAL A 73 -10.47 -4.92 21.53
N LYS A 74 -9.15 -4.91 21.72
CA LYS A 74 -8.25 -4.10 20.92
C LYS A 74 -6.97 -4.89 20.68
N ALA A 75 -6.44 -4.78 19.46
CA ALA A 75 -5.16 -5.37 19.11
C ALA A 75 -4.29 -4.31 18.47
N THR A 76 -3.00 -4.35 18.77
CA THR A 76 -2.01 -3.50 18.11
C THR A 76 -1.01 -4.40 17.41
N CYS A 77 -0.86 -4.23 16.09
CA CYS A 77 0.01 -5.05 15.28
C CYS A 77 1.21 -4.24 14.84
N PHE A 78 2.40 -4.67 15.25
CA PHE A 78 3.65 -4.03 14.84
C PHE A 78 4.30 -4.87 13.76
N LEU A 79 4.45 -4.31 12.56
CA LEU A 79 5.04 -4.99 11.43
C LEU A 79 6.38 -4.36 11.08
N SER A 80 7.31 -5.18 10.57
CA SER A 80 8.57 -4.66 10.10
C SER A 80 8.49 -4.17 8.66
N ASP A 81 7.47 -4.59 7.90
CA ASP A 81 7.30 -4.17 6.52
C ASP A 81 5.80 -3.99 6.27
N ILE A 82 5.38 -2.74 6.05
CA ILE A 82 3.98 -2.44 5.80
C ILE A 82 3.48 -3.11 4.53
N ASN A 83 4.39 -3.45 3.61
CA ASN A 83 3.98 -4.11 2.37
C ASN A 83 3.48 -5.53 2.60
N ASP A 84 3.65 -6.07 3.80
CA ASP A 84 3.09 -7.37 4.15
C ASP A 84 1.63 -7.29 4.55
N PHE A 85 1.00 -6.11 4.43
CA PHE A 85 -0.34 -5.92 4.96
C PHE A 85 -1.35 -6.88 4.35
N VAL A 86 -1.28 -7.08 3.03
CA VAL A 86 -2.27 -7.93 2.36
C VAL A 86 -2.17 -9.36 2.87
N ALA A 87 -0.96 -9.91 2.87
CA ALA A 87 -0.77 -11.28 3.36
C ALA A 87 -1.02 -11.39 4.85
N PHE A 88 -0.65 -10.35 5.62
CA PHE A 88 -0.85 -10.40 7.06
C PHE A 88 -2.33 -10.46 7.43
N ASN A 89 -3.14 -9.61 6.80
CA ASN A 89 -4.57 -9.55 7.13
C ASN A 89 -5.29 -10.86 6.82
N GLU A 90 -4.87 -11.57 5.77
CA GLU A 90 -5.53 -12.82 5.42
C GLU A 90 -5.31 -13.88 6.49
N VAL A 91 -4.11 -13.93 7.08
CA VAL A 91 -3.87 -14.89 8.15
C VAL A 91 -4.48 -14.40 9.45
N TYR A 92 -4.30 -13.12 9.76
CA TYR A 92 -4.81 -12.54 11.01
C TYR A 92 -6.31 -12.78 11.14
N LYS A 93 -7.06 -12.64 10.05
CA LYS A 93 -8.51 -12.78 10.13
C LYS A 93 -8.95 -14.19 10.49
N THR A 94 -8.10 -15.19 10.24
CA THR A 94 -8.49 -16.57 10.50
C THR A 94 -8.55 -16.91 11.98
N ALA A 95 -8.06 -16.03 12.86
CA ALA A 95 -8.09 -16.33 14.28
C ALA A 95 -9.48 -16.19 14.88
N PHE A 96 -10.39 -15.49 14.21
CA PHE A 96 -11.67 -15.11 14.78
C PHE A 96 -12.80 -15.93 14.18
N THR A 97 -13.87 -16.10 14.97
CA THR A 97 -15.02 -16.90 14.60
C THR A 97 -16.28 -16.09 14.41
N GLU A 98 -16.56 -15.13 15.29
CA GLU A 98 -17.78 -14.34 15.21
C GLU A 98 -17.54 -12.84 15.10
N ALA A 99 -16.45 -12.32 15.65
CA ALA A 99 -16.27 -10.87 15.73
C ALA A 99 -14.79 -10.52 15.58
N PHE A 100 -14.56 -9.25 15.14
CA PHE A 100 -13.27 -8.60 15.00
C PHE A 100 -13.11 -7.51 16.07
N PRO A 101 -11.93 -7.39 16.67
CA PRO A 101 -11.68 -6.30 17.61
C PRO A 101 -11.25 -5.03 16.88
N ALA A 102 -11.19 -3.94 17.64
CA ALA A 102 -10.53 -2.74 17.14
C ALA A 102 -9.05 -3.02 16.97
N ARG A 103 -8.40 -2.25 16.10
CA ARG A 103 -7.03 -2.58 15.76
C ARG A 103 -6.27 -1.35 15.27
N SER A 104 -4.96 -1.37 15.50
CA SER A 104 -4.03 -0.46 14.85
C SER A 104 -2.87 -1.29 14.30
N ALA A 105 -2.36 -0.90 13.14
CA ALA A 105 -1.25 -1.60 12.52
C ALA A 105 -0.31 -0.56 11.90
N VAL A 106 0.94 -0.54 12.37
CA VAL A 106 1.94 0.39 11.88
C VAL A 106 3.24 -0.36 11.62
N GLU A 107 4.10 0.24 10.81
CA GLU A 107 5.42 -0.30 10.54
C GLU A 107 6.42 0.31 11.51
N VAL A 108 7.10 -0.52 12.27
CA VAL A 108 8.15 -0.08 13.16
C VAL A 108 9.49 -0.23 12.45
N ALA A 109 10.54 0.33 13.05
CA ALA A 109 11.86 0.24 12.44
C ALA A 109 12.44 -1.16 12.58
N ARG A 110 12.23 -1.79 13.73
CA ARG A 110 12.78 -3.12 13.99
C ARG A 110 12.02 -3.75 15.14
N LEU A 111 11.97 -5.07 15.14
CA LEU A 111 11.30 -5.86 16.16
C LEU A 111 12.28 -6.76 16.87
N PRO A 112 11.97 -7.19 18.10
CA PRO A 112 12.87 -8.11 18.81
C PRO A 112 13.13 -9.36 17.99
N LYS A 113 14.39 -9.78 17.97
CA LYS A 113 14.86 -10.96 17.23
C LYS A 113 14.59 -10.85 15.73
N ASP A 114 14.40 -9.61 15.24
CA ASP A 114 14.28 -9.32 13.80
C ASP A 114 13.08 -10.02 13.17
N VAL A 115 12.00 -10.18 13.93
CA VAL A 115 10.80 -10.82 13.41
C VAL A 115 10.02 -9.81 12.57
N LYS A 116 8.99 -10.29 11.87
CA LYS A 116 8.20 -9.44 10.98
C LYS A 116 6.92 -8.93 11.62
N ILE A 117 6.49 -9.51 12.74
CA ILE A 117 5.20 -9.16 13.32
C ILE A 117 5.26 -9.36 14.83
N GLU A 118 4.64 -8.43 15.56
CA GLU A 118 4.40 -8.54 16.99
C GLU A 118 2.99 -8.04 17.27
N ILE A 119 2.20 -8.84 17.97
CA ILE A 119 0.80 -8.53 18.22
C ILE A 119 0.57 -8.50 19.74
N GLU A 120 0.05 -7.38 20.24
CA GLU A 120 -0.42 -7.27 21.61
C GLU A 120 -1.95 -7.14 21.59
N VAL A 121 -2.61 -7.76 22.57
CA VAL A 121 -4.06 -7.76 22.62
C VAL A 121 -4.54 -7.35 23.99
N ILE A 122 -5.69 -6.69 24.02
CA ILE A 122 -6.47 -6.45 25.23
C ILE A 122 -7.78 -7.18 25.06
N ALA A 123 -8.14 -8.02 26.04
CA ALA A 123 -9.27 -8.92 25.89
C ALA A 123 -10.19 -8.82 27.10
N GLU A 124 -11.47 -9.09 26.87
CA GLU A 124 -12.48 -9.07 27.92
C GLU A 124 -12.66 -10.46 28.50
N ILE A 125 -12.69 -10.55 29.83
CA ILE A 125 -12.91 -11.81 30.53
C ILE A 125 -14.39 -11.87 30.91
N LEU A 126 -15.08 -12.90 30.44
CA LEU A 126 -16.49 -13.08 30.78
C LEU A 126 -16.64 -13.98 31.99
N ALA B 2 -18.32 -5.78 24.73
CA ALA B 2 -18.59 -6.53 23.52
C ALA B 2 -19.40 -5.72 22.51
N LYS B 3 -19.59 -4.43 22.83
CA LYS B 3 -20.32 -3.54 21.95
C LYS B 3 -19.40 -3.01 20.85
N THR B 4 -19.81 -3.19 19.60
CA THR B 4 -19.04 -2.76 18.45
C THR B 4 -19.59 -1.44 17.92
N ILE B 5 -18.69 -0.52 17.61
CA ILE B 5 -19.05 0.80 17.12
C ILE B 5 -18.86 0.83 15.61
N HIS B 6 -19.89 1.27 14.89
CA HIS B 6 -19.79 1.55 13.47
C HIS B 6 -20.54 2.81 13.15
N THR B 7 -19.97 3.63 12.27
CA THR B 7 -20.62 4.83 11.79
C THR B 7 -20.10 5.14 10.39
N ASP B 8 -20.98 5.65 9.54
CA ASP B 8 -20.61 5.93 8.15
C ASP B 8 -19.84 7.23 7.99
N LYS B 9 -19.92 8.14 8.96
CA LYS B 9 -19.15 9.38 8.90
C LYS B 9 -17.70 9.18 9.35
N ALA B 10 -17.29 7.93 9.57
CA ALA B 10 -15.91 7.51 9.75
C ALA B 10 -15.55 6.52 8.64
N PRO B 11 -14.28 6.45 8.25
CA PRO B 11 -13.91 5.53 7.16
C PRO B 11 -14.31 4.10 7.49
N ALA B 12 -14.90 3.43 6.50
CA ALA B 12 -15.36 2.06 6.70
C ALA B 12 -14.19 1.15 7.02
N ALA B 13 -14.39 0.25 7.98
CA ALA B 13 -13.37 -0.72 8.34
C ALA B 13 -13.19 -1.72 7.21
N ILE B 14 -12.23 -1.48 6.33
CA ILE B 14 -11.91 -2.39 5.23
C ILE B 14 -10.72 -3.21 5.69
N GLY B 15 -10.99 -4.41 6.20
CA GLY B 15 -9.98 -5.24 6.79
C GLY B 15 -10.51 -5.93 8.03
N PRO B 16 -9.75 -6.87 8.58
CA PRO B 16 -10.25 -7.66 9.72
C PRO B 16 -10.20 -6.88 11.04
N TYR B 17 -11.02 -5.83 11.11
CA TYR B 17 -11.11 -5.01 12.31
C TYR B 17 -12.42 -4.23 12.27
N VAL B 18 -12.73 -3.58 13.39
CA VAL B 18 -13.89 -2.70 13.50
C VAL B 18 -13.40 -1.32 13.90
N GLN B 19 -14.25 -0.32 13.66
CA GLN B 19 -13.88 1.07 13.95
C GLN B 19 -13.60 1.27 15.43
N GLY B 20 -14.39 0.66 16.30
CA GLY B 20 -14.18 0.77 17.73
C GLY B 20 -14.96 -0.31 18.46
N LYS B 21 -14.53 -0.58 19.68
CA LYS B 21 -15.18 -1.58 20.51
C LYS B 21 -15.25 -1.08 21.94
N ILE B 22 -16.37 -1.34 22.61
CA ILE B 22 -16.64 -0.86 23.95
C ILE B 22 -16.60 -2.04 24.91
N VAL B 23 -15.90 -1.87 26.04
CA VAL B 23 -15.94 -2.84 27.13
C VAL B 23 -16.11 -2.07 28.43
N GLY B 24 -17.24 -2.29 29.09
CA GLY B 24 -17.50 -1.56 30.33
C GLY B 24 -17.68 -0.08 30.04
N ASN B 25 -16.87 0.75 30.71
CA ASN B 25 -16.93 2.20 30.55
C ASN B 25 -15.90 2.74 29.59
N LEU B 26 -15.18 1.88 28.87
CA LEU B 26 -14.06 2.30 28.03
C LEU B 26 -14.36 2.00 26.57
N LEU B 27 -13.98 2.94 25.71
CA LEU B 27 -14.04 2.75 24.27
C LEU B 27 -12.62 2.60 23.74
N PHE B 28 -12.38 1.52 23.00
CA PHE B 28 -11.11 1.29 22.33
C PHE B 28 -11.34 1.50 20.84
N ALA B 29 -10.84 2.61 20.32
CA ALA B 29 -11.03 2.94 18.92
C ALA B 29 -9.81 2.48 18.11
N SER B 30 -10.08 2.07 16.88
CA SER B 30 -9.00 1.76 15.94
C SER B 30 -8.25 3.03 15.58
N GLY B 31 -6.98 2.86 15.23
CA GLY B 31 -6.19 3.97 14.74
C GLY B 31 -6.83 4.58 13.51
N GLN B 32 -6.97 5.91 13.49
CA GLN B 32 -7.61 6.61 12.38
C GLN B 32 -6.56 7.34 11.57
N ILE B 33 -6.64 7.22 10.25
CA ILE B 33 -5.74 7.90 9.33
C ILE B 33 -6.57 8.91 8.55
N PRO B 34 -5.96 9.86 7.82
CA PRO B 34 -6.74 10.93 7.15
C PRO B 34 -7.47 10.44 5.91
N LEU B 35 -8.37 9.49 6.09
CA LEU B 35 -9.20 8.96 5.02
C LEU B 35 -10.56 9.65 5.03
N SER B 36 -11.07 9.95 3.84
CA SER B 36 -12.40 10.52 3.73
C SER B 36 -13.44 9.42 3.81
N PRO B 37 -14.38 9.46 4.76
CA PRO B 37 -15.47 8.48 4.75
C PRO B 37 -16.38 8.65 3.54
N GLU B 38 -16.40 9.84 2.94
CA GLU B 38 -17.23 10.09 1.77
C GLU B 38 -16.59 9.49 0.51
N THR B 39 -15.46 10.04 0.09
CA THR B 39 -14.77 9.58 -1.11
C THR B 39 -14.13 8.22 -0.88
N GLY B 40 -13.08 8.18 -0.07
CA GLY B 40 -12.39 6.94 0.21
C GLY B 40 -10.90 7.00 -0.01
N GLU B 41 -10.37 8.21 -0.18
CA GLU B 41 -8.94 8.42 -0.39
C GLU B 41 -8.41 9.40 0.65
N ILE B 42 -7.13 9.73 0.53
CA ILE B 42 -6.44 10.55 1.52
C ILE B 42 -6.85 12.01 1.37
N ILE B 43 -7.09 12.67 2.49
CA ILE B 43 -7.48 14.07 2.53
C ILE B 43 -6.30 14.87 3.07
N GLY B 44 -5.68 15.64 2.21
CA GLY B 44 -4.63 16.56 2.63
C GLY B 44 -3.25 16.09 2.23
N THR B 45 -2.41 17.05 1.83
CA THR B 45 -1.02 16.78 1.50
C THR B 45 -0.05 17.28 2.58
N THR B 46 -0.54 18.02 3.56
CA THR B 46 0.27 18.53 4.66
C THR B 46 -0.15 17.85 5.96
N ILE B 47 0.72 17.98 6.98
CA ILE B 47 0.42 17.38 8.27
C ILE B 47 -0.78 18.07 8.91
N GLU B 48 -0.98 19.37 8.64
CA GLU B 48 -2.12 20.07 9.22
C GLU B 48 -3.43 19.57 8.62
N GLU B 49 -3.49 19.43 7.29
CA GLU B 49 -4.72 18.97 6.66
C GLU B 49 -5.02 17.52 7.02
N GLN B 50 -3.99 16.67 7.11
CA GLN B 50 -4.22 15.28 7.44
C GLN B 50 -4.61 15.11 8.90
N THR B 51 -4.01 15.89 9.80
CA THR B 51 -4.39 15.84 11.21
C THR B 51 -5.84 16.23 11.40
N GLN B 52 -6.30 17.26 10.68
CA GLN B 52 -7.68 17.70 10.79
C GLN B 52 -8.65 16.60 10.38
N GLN B 53 -8.32 15.86 9.32
CA GLN B 53 -9.20 14.79 8.88
C GLN B 53 -9.17 13.61 9.86
N VAL B 54 -8.01 13.33 10.45
CA VAL B 54 -7.93 12.29 11.48
C VAL B 54 -8.83 12.65 12.65
N LEU B 55 -8.82 13.92 13.07
CA LEU B 55 -9.65 14.36 14.19
C LEU B 55 -11.13 14.23 13.84
N LYS B 56 -11.51 14.51 12.59
CA LYS B 56 -12.89 14.28 12.17
C LYS B 56 -13.26 12.81 12.26
N ASN B 57 -12.36 11.92 11.81
CA ASN B 57 -12.63 10.49 11.87
C ASN B 57 -12.77 10.02 13.31
N VAL B 58 -11.89 10.48 14.20
CA VAL B 58 -11.96 10.09 15.61
C VAL B 58 -13.24 10.63 16.24
N SER B 59 -13.54 11.91 16.00
CA SER B 59 -14.74 12.50 16.57
C SER B 59 -16.00 11.76 16.15
N ALA B 60 -16.04 11.32 14.89
CA ALA B 60 -17.18 10.53 14.42
C ALA B 60 -17.34 9.26 15.24
N ILE B 61 -16.23 8.59 15.54
CA ILE B 61 -16.29 7.36 16.35
C ILE B 61 -16.63 7.69 17.79
N LEU B 62 -16.06 8.76 18.33
CA LEU B 62 -16.40 9.17 19.70
C LEU B 62 -17.90 9.48 19.81
N GLU B 63 -18.45 10.18 18.83
CA GLU B 63 -19.87 10.50 18.86
C GLU B 63 -20.72 9.24 18.83
N ALA B 64 -20.40 8.32 17.93
CA ALA B 64 -21.19 7.10 17.77
C ALA B 64 -21.18 6.24 19.03
N ALA B 65 -20.18 6.42 19.90
CA ALA B 65 -20.10 5.67 21.15
C ALA B 65 -20.61 6.45 22.35
N GLY B 66 -21.17 7.64 22.13
CA GLY B 66 -21.71 8.43 23.22
C GLY B 66 -20.67 9.12 24.08
N THR B 67 -19.60 9.61 23.48
CA THR B 67 -18.55 10.32 24.21
C THR B 67 -17.97 11.40 23.30
N ASP B 68 -16.97 12.11 23.80
CA ASP B 68 -16.41 13.26 23.08
C ASP B 68 -14.90 13.29 23.27
N PHE B 69 -14.26 14.28 22.65
CA PHE B 69 -12.81 14.42 22.77
C PHE B 69 -12.40 14.71 24.21
N ASP B 70 -13.17 15.53 24.93
CA ASP B 70 -12.82 15.88 26.30
C ASP B 70 -12.80 14.68 27.23
N HIS B 71 -13.47 13.59 26.87
CA HIS B 71 -13.48 12.39 27.71
C HIS B 71 -12.58 11.30 27.15
N VAL B 72 -11.75 11.62 26.17
CA VAL B 72 -10.66 10.72 25.78
C VAL B 72 -9.66 10.62 26.92
N VAL B 73 -9.18 9.41 27.18
CA VAL B 73 -8.28 9.14 28.31
C VAL B 73 -6.84 9.02 27.86
N LYS B 74 -6.59 8.29 26.77
CA LYS B 74 -5.25 8.06 26.28
C LYS B 74 -5.26 8.17 24.77
N ALA B 75 -4.26 8.86 24.22
CA ALA B 75 -4.09 8.98 22.78
C ALA B 75 -2.66 8.61 22.42
N THR B 76 -2.51 7.76 21.42
CA THR B 76 -1.21 7.46 20.83
C THR B 76 -1.18 8.04 19.43
N CYS B 77 -0.20 8.88 19.16
CA CYS B 77 -0.08 9.61 17.90
C CYS B 77 1.15 9.09 17.15
N PHE B 78 0.91 8.35 16.07
CA PHE B 78 1.98 7.85 15.23
C PHE B 78 2.26 8.85 14.12
N LEU B 79 3.49 9.35 14.06
CA LEU B 79 3.92 10.29 13.04
C LEU B 79 4.92 9.61 12.10
N SER B 80 4.78 9.88 10.80
CA SER B 80 5.78 9.40 9.85
C SER B 80 7.06 10.23 9.92
N ASP B 81 7.00 11.42 10.50
CA ASP B 81 8.18 12.27 10.67
C ASP B 81 7.97 13.10 11.93
N ILE B 82 8.85 12.91 12.92
CA ILE B 82 8.68 13.59 14.20
C ILE B 82 8.83 15.10 14.07
N ASN B 83 9.48 15.58 13.01
CA ASN B 83 9.61 17.02 12.80
C ASN B 83 8.28 17.69 12.52
N ASP B 84 7.23 16.91 12.22
CA ASP B 84 5.90 17.45 12.03
C ASP B 84 5.15 17.69 13.34
N PHE B 85 5.78 17.40 14.48
CA PHE B 85 5.06 17.41 15.75
C PHE B 85 4.46 18.77 16.05
N VAL B 86 5.24 19.84 15.90
CA VAL B 86 4.75 21.18 16.25
C VAL B 86 3.54 21.55 15.40
N ALA B 87 3.63 21.31 14.08
CA ALA B 87 2.49 21.59 13.21
C ALA B 87 1.32 20.67 13.53
N PHE B 88 1.59 19.40 13.82
CA PHE B 88 0.52 18.48 14.23
C PHE B 88 -0.09 18.92 15.56
N ASN B 89 0.75 19.27 16.54
CA ASN B 89 0.25 19.64 17.85
C ASN B 89 -0.66 20.86 17.81
N GLU B 90 -0.40 21.78 16.86
CA GLU B 90 -1.24 22.96 16.74
C GLU B 90 -2.66 22.61 16.32
N VAL B 91 -2.82 21.66 15.40
CA VAL B 91 -4.15 21.23 15.00
C VAL B 91 -4.74 20.27 16.02
N TYR B 92 -3.91 19.44 16.64
CA TYR B 92 -4.40 18.46 17.61
C TYR B 92 -5.10 19.11 18.79
N LYS B 93 -4.60 20.27 19.24
CA LYS B 93 -5.17 20.92 20.41
C LYS B 93 -6.57 21.46 20.16
N THR B 94 -6.93 21.74 18.89
CA THR B 94 -8.22 22.35 18.61
C THR B 94 -9.39 21.38 18.82
N ALA B 95 -9.12 20.08 18.92
CA ALA B 95 -10.18 19.11 19.15
C ALA B 95 -10.72 19.15 20.58
N PHE B 96 -9.97 19.73 21.51
CA PHE B 96 -10.31 19.71 22.92
C PHE B 96 -10.64 21.11 23.40
N THR B 97 -11.61 21.22 24.31
CA THR B 97 -12.01 22.50 24.88
C THR B 97 -11.50 22.69 26.29
N GLU B 98 -11.74 21.72 27.18
CA GLU B 98 -11.29 21.80 28.57
C GLU B 98 -10.24 20.74 28.87
N ALA B 99 -10.62 19.47 28.92
CA ALA B 99 -9.70 18.44 29.37
C ALA B 99 -8.85 17.92 28.22
N PHE B 100 -7.63 17.50 28.56
CA PHE B 100 -6.69 16.89 27.65
C PHE B 100 -6.30 15.51 28.14
N PRO B 101 -6.22 14.53 27.25
CA PRO B 101 -5.88 13.16 27.65
C PRO B 101 -4.37 12.95 27.75
N ALA B 102 -4.00 11.82 28.36
CA ALA B 102 -2.63 11.37 28.29
C ALA B 102 -2.25 11.07 26.84
N ARG B 103 -0.98 11.29 26.50
CA ARG B 103 -0.57 11.20 25.12
C ARG B 103 0.82 10.57 25.00
N SER B 104 1.01 9.79 23.94
CA SER B 104 2.32 9.34 23.51
C SER B 104 2.45 9.60 22.02
N ALA B 105 3.56 10.18 21.61
CA ALA B 105 3.81 10.53 20.21
C ALA B 105 5.20 10.03 19.83
N VAL B 106 5.24 9.10 18.87
CA VAL B 106 6.50 8.55 18.39
C VAL B 106 6.47 8.59 16.86
N GLU B 107 7.66 8.47 16.27
CA GLU B 107 7.80 8.35 14.83
C GLU B 107 7.95 6.89 14.45
N VAL B 108 7.11 6.42 13.55
CA VAL B 108 7.18 5.06 13.06
C VAL B 108 7.90 5.07 11.72
N ALA B 109 8.24 3.87 11.23
CA ALA B 109 8.90 3.77 9.93
C ALA B 109 7.93 4.10 8.79
N ARG B 110 6.69 3.64 8.89
CA ARG B 110 5.72 3.83 7.82
C ARG B 110 4.32 3.58 8.36
N LEU B 111 3.36 4.30 7.81
CA LEU B 111 1.95 4.19 8.15
C LEU B 111 1.16 3.67 6.96
N PRO B 112 -0.02 3.09 7.19
CA PRO B 112 -0.85 2.62 6.07
C PRO B 112 -1.15 3.75 5.10
N LYS B 113 -1.02 3.45 3.80
CA LYS B 113 -1.19 4.40 2.71
C LYS B 113 -0.21 5.59 2.81
N ASP B 114 0.90 5.40 3.53
CA ASP B 114 1.97 6.40 3.62
C ASP B 114 1.46 7.75 4.15
N VAL B 115 0.47 7.72 5.04
CA VAL B 115 -0.04 8.94 5.62
C VAL B 115 0.97 9.50 6.60
N LYS B 116 0.75 10.73 7.07
CA LYS B 116 1.69 11.40 7.96
C LYS B 116 1.32 11.26 9.44
N ILE B 117 0.08 10.86 9.74
CA ILE B 117 -0.42 10.88 11.11
C ILE B 117 -1.46 9.79 11.27
N GLU B 118 -1.39 9.07 12.39
CA GLU B 118 -2.42 8.13 12.79
C GLU B 118 -2.60 8.23 14.29
N ILE B 119 -3.85 8.40 14.73
CA ILE B 119 -4.17 8.59 16.14
C ILE B 119 -5.14 7.48 16.55
N GLU B 120 -4.76 6.72 17.58
CA GLU B 120 -5.67 5.79 18.24
C GLU B 120 -5.98 6.33 19.63
N VAL B 121 -7.24 6.21 20.04
CA VAL B 121 -7.69 6.80 21.30
C VAL B 121 -8.38 5.75 22.15
N ILE B 122 -8.28 5.94 23.47
CA ILE B 122 -9.10 5.25 24.45
C ILE B 122 -9.89 6.32 25.18
N ALA B 123 -11.22 6.14 25.22
CA ALA B 123 -12.10 7.17 25.73
C ALA B 123 -13.03 6.59 26.79
N GLU B 124 -13.46 7.47 27.70
CA GLU B 124 -14.40 7.11 28.75
C GLU B 124 -15.82 7.33 28.24
N ILE B 125 -16.70 6.37 28.48
CA ILE B 125 -18.09 6.49 28.11
C ILE B 125 -18.83 7.25 29.21
N LEU B 126 -19.42 8.39 28.83
CA LEU B 126 -20.17 9.20 29.78
C LEU B 126 -21.63 8.76 29.84
N ALA C 2 -7.42 1.64 -41.69
CA ALA C 2 -8.22 1.77 -40.48
C ALA C 2 -9.49 0.92 -40.56
N LYS C 3 -9.33 -0.39 -40.33
CA LYS C 3 -10.44 -1.33 -40.40
C LYS C 3 -10.84 -1.76 -38.99
N THR C 4 -12.14 -1.91 -38.78
CA THR C 4 -12.70 -2.34 -37.50
C THR C 4 -13.04 -3.82 -37.56
N ILE C 5 -12.74 -4.53 -36.47
CA ILE C 5 -13.00 -5.97 -36.39
C ILE C 5 -14.36 -6.19 -35.72
N HIS C 6 -15.17 -7.04 -36.34
CA HIS C 6 -16.46 -7.46 -35.80
C HIS C 6 -16.57 -8.97 -35.89
N THR C 7 -16.99 -9.61 -34.80
CA THR C 7 -17.22 -11.05 -34.80
C THR C 7 -18.18 -11.39 -33.67
N ASP C 8 -19.07 -12.34 -33.93
CA ASP C 8 -19.97 -12.83 -32.88
C ASP C 8 -19.32 -13.89 -32.00
N LYS C 9 -18.09 -14.28 -32.29
CA LYS C 9 -17.39 -15.28 -31.49
C LYS C 9 -16.58 -14.67 -30.35
N ALA C 10 -16.63 -13.34 -30.20
CA ALA C 10 -16.07 -12.64 -29.05
C ALA C 10 -17.16 -11.76 -28.44
N PRO C 11 -17.05 -11.44 -27.15
CA PRO C 11 -18.07 -10.58 -26.53
C PRO C 11 -18.24 -9.28 -27.30
N ALA C 12 -19.50 -8.88 -27.47
CA ALA C 12 -19.80 -7.71 -28.28
C ALA C 12 -19.22 -6.45 -27.64
N ALA C 13 -18.77 -5.54 -28.49
CA ALA C 13 -18.22 -4.26 -28.03
C ALA C 13 -19.36 -3.36 -27.57
N ILE C 14 -19.58 -3.29 -26.27
CA ILE C 14 -20.64 -2.48 -25.69
C ILE C 14 -20.01 -1.16 -25.25
N GLY C 15 -20.39 -0.06 -25.89
CA GLY C 15 -19.89 1.24 -25.54
C GLY C 15 -18.94 1.81 -26.57
N PRO C 16 -18.16 2.82 -26.17
CA PRO C 16 -17.29 3.55 -27.11
C PRO C 16 -15.96 2.84 -27.36
N TYR C 17 -16.04 1.62 -27.88
CA TYR C 17 -14.85 0.89 -28.29
C TYR C 17 -15.26 -0.22 -29.24
N VAL C 18 -14.27 -0.77 -29.94
CA VAL C 18 -14.48 -1.88 -30.85
C VAL C 18 -13.62 -3.06 -30.41
N GLN C 19 -13.94 -4.24 -30.92
CA GLN C 19 -13.23 -5.45 -30.52
C GLN C 19 -11.77 -5.40 -30.93
N GLY C 20 -11.49 -4.82 -32.09
CA GLY C 20 -10.13 -4.69 -32.57
C GLY C 20 -10.09 -3.75 -33.75
N LYS C 21 -8.90 -3.19 -33.98
CA LYS C 21 -8.69 -2.25 -35.08
C LYS C 21 -7.39 -2.59 -35.79
N ILE C 22 -7.41 -2.51 -37.11
CA ILE C 22 -6.26 -2.81 -37.95
C ILE C 22 -5.79 -1.53 -38.62
N VAL C 23 -4.51 -1.22 -38.49
CA VAL C 23 -3.87 -0.14 -39.24
C VAL C 23 -2.59 -0.72 -39.84
N GLY C 24 -2.45 -0.60 -41.15
CA GLY C 24 -1.32 -1.23 -41.82
C GLY C 24 -1.41 -2.74 -41.69
N ASN C 25 -0.29 -3.35 -41.31
CA ASN C 25 -0.22 -4.80 -41.11
C ASN C 25 -0.31 -5.18 -39.63
N LEU C 26 -0.82 -4.29 -38.78
CA LEU C 26 -0.86 -4.50 -37.34
C LEU C 26 -2.32 -4.58 -36.88
N LEU C 27 -2.61 -5.58 -36.04
CA LEU C 27 -3.89 -5.69 -35.37
C LEU C 27 -3.74 -5.21 -33.94
N PHE C 28 -4.57 -4.25 -33.54
CA PHE C 28 -4.67 -3.82 -32.16
C PHE C 28 -5.99 -4.35 -31.61
N ALA C 29 -5.91 -5.38 -30.77
CA ALA C 29 -7.09 -5.99 -30.20
C ALA C 29 -7.41 -5.37 -28.84
N SER C 30 -8.69 -5.19 -28.57
CA SER C 30 -9.12 -4.73 -27.26
C SER C 30 -8.85 -5.79 -26.21
N GLY C 31 -8.61 -5.34 -24.97
CA GLY C 31 -8.41 -6.25 -23.87
C GLY C 31 -9.61 -7.15 -23.66
N GLN C 32 -9.41 -8.46 -23.72
CA GLN C 32 -10.49 -9.42 -23.60
C GLN C 32 -10.59 -9.93 -22.17
N ILE C 33 -11.81 -10.00 -21.68
CA ILE C 33 -12.11 -10.54 -20.36
C ILE C 33 -12.88 -11.85 -20.55
N PRO C 34 -12.98 -12.75 -19.53
CA PRO C 34 -13.57 -14.08 -19.74
C PRO C 34 -15.09 -14.11 -19.79
N LEU C 35 -15.67 -13.23 -20.61
CA LEU C 35 -17.10 -13.26 -20.85
C LEU C 35 -17.41 -14.23 -21.98
N SER C 36 -18.57 -14.87 -21.87
CA SER C 36 -19.04 -15.74 -22.96
C SER C 36 -19.69 -14.89 -24.05
N PRO C 37 -19.28 -15.05 -25.31
CA PRO C 37 -19.97 -14.32 -26.39
C PRO C 37 -21.41 -14.75 -26.58
N GLU C 38 -21.80 -15.91 -26.03
CA GLU C 38 -23.17 -16.39 -26.22
C GLU C 38 -24.12 -15.80 -25.18
N THR C 39 -23.67 -15.64 -23.94
CA THR C 39 -24.53 -15.14 -22.87
C THR C 39 -24.08 -13.81 -22.28
N GLY C 40 -22.85 -13.37 -22.55
CA GLY C 40 -22.36 -12.14 -21.94
C GLY C 40 -22.02 -12.24 -20.48
N GLU C 41 -21.98 -13.44 -19.92
CA GLU C 41 -21.68 -13.65 -18.51
C GLU C 41 -20.29 -14.26 -18.35
N ILE C 42 -19.79 -14.20 -17.11
CA ILE C 42 -18.45 -14.70 -16.83
C ILE C 42 -18.43 -16.22 -16.91
N ILE C 43 -17.41 -16.76 -17.57
CA ILE C 43 -17.19 -18.20 -17.65
C ILE C 43 -16.03 -18.54 -16.72
N GLY C 44 -16.31 -19.31 -15.67
CA GLY C 44 -15.26 -19.83 -14.82
C GLY C 44 -15.10 -19.12 -13.49
N THR C 45 -14.87 -19.90 -12.44
CA THR C 45 -14.58 -19.37 -11.11
C THR C 45 -13.09 -19.43 -10.77
N THR C 46 -12.29 -20.09 -11.59
CA THR C 46 -10.85 -20.19 -11.38
C THR C 46 -10.12 -19.42 -12.48
N ILE C 47 -8.85 -19.12 -12.20
CA ILE C 47 -8.03 -18.44 -13.21
C ILE C 47 -7.83 -19.32 -14.43
N GLU C 48 -7.80 -20.64 -14.25
CA GLU C 48 -7.63 -21.55 -15.38
C GLU C 48 -8.82 -21.47 -16.32
N GLU C 49 -10.04 -21.55 -15.77
CA GLU C 49 -11.24 -21.52 -16.61
C GLU C 49 -11.43 -20.16 -17.26
N GLN C 50 -11.14 -19.08 -16.53
CA GLN C 50 -11.29 -17.75 -17.09
C GLN C 50 -10.25 -17.49 -18.18
N THR C 51 -9.01 -17.93 -17.96
CA THR C 51 -7.97 -17.74 -18.97
C THR C 51 -8.32 -18.46 -20.26
N GLN C 52 -8.87 -19.67 -20.15
CA GLN C 52 -9.29 -20.41 -21.33
C GLN C 52 -10.31 -19.61 -22.14
N GLN C 53 -11.28 -18.98 -21.46
CA GLN C 53 -12.28 -18.21 -22.17
C GLN C 53 -11.69 -16.95 -22.79
N VAL C 54 -10.74 -16.31 -22.10
CA VAL C 54 -10.08 -15.14 -22.66
C VAL C 54 -9.34 -15.52 -23.95
N LEU C 55 -8.70 -16.68 -23.94
CA LEU C 55 -7.99 -17.14 -25.14
C LEU C 55 -8.96 -17.42 -26.29
N LYS C 56 -10.14 -17.97 -25.98
CA LYS C 56 -11.14 -18.20 -27.01
C LYS C 56 -11.65 -16.88 -27.58
N ASN C 57 -11.81 -15.86 -26.73
CA ASN C 57 -12.24 -14.56 -27.20
C ASN C 57 -11.15 -13.90 -28.05
N VAL C 58 -9.90 -13.97 -27.60
CA VAL C 58 -8.79 -13.43 -28.39
C VAL C 58 -8.67 -14.16 -29.71
N SER C 59 -8.79 -15.50 -29.68
CA SER C 59 -8.72 -16.28 -30.90
C SER C 59 -9.76 -15.83 -31.92
N ALA C 60 -10.97 -15.52 -31.45
CA ALA C 60 -12.03 -15.05 -32.34
C ALA C 60 -11.65 -13.74 -33.01
N ILE C 61 -10.95 -12.86 -32.28
CA ILE C 61 -10.55 -11.58 -32.86
C ILE C 61 -9.40 -11.77 -33.83
N LEU C 62 -8.44 -12.63 -33.48
CA LEU C 62 -7.35 -12.96 -34.41
C LEU C 62 -7.90 -13.55 -35.70
N GLU C 63 -8.88 -14.45 -35.59
CA GLU C 63 -9.45 -15.07 -36.78
C GLU C 63 -10.17 -14.05 -37.64
N ALA C 64 -10.98 -13.18 -37.02
CA ALA C 64 -11.71 -12.18 -37.78
C ALA C 64 -10.78 -11.15 -38.41
N ALA C 65 -9.53 -11.06 -37.97
CA ALA C 65 -8.54 -10.16 -38.54
C ALA C 65 -7.62 -10.82 -39.53
N GLY C 66 -7.78 -12.12 -39.76
CA GLY C 66 -6.94 -12.83 -40.72
C GLY C 66 -5.56 -13.19 -40.20
N THR C 67 -5.45 -13.53 -38.92
CA THR C 67 -4.17 -13.91 -38.32
C THR C 67 -4.44 -14.98 -37.27
N ASP C 68 -3.38 -15.38 -36.55
CA ASP C 68 -3.47 -16.44 -35.57
C ASP C 68 -2.61 -16.09 -34.36
N PHE C 69 -2.52 -17.03 -33.41
CA PHE C 69 -1.76 -16.79 -32.19
C PHE C 69 -0.27 -16.68 -32.46
N ASP C 70 0.25 -17.49 -33.38
CA ASP C 70 1.68 -17.52 -33.64
C ASP C 70 2.19 -16.23 -34.29
N HIS C 71 1.29 -15.36 -34.75
CA HIS C 71 1.67 -14.07 -35.30
C HIS C 71 1.30 -12.90 -34.39
N VAL C 72 0.86 -13.19 -33.16
CA VAL C 72 0.80 -12.16 -32.12
C VAL C 72 2.23 -11.76 -31.78
N VAL C 73 2.48 -10.45 -31.75
CA VAL C 73 3.81 -9.94 -31.46
C VAL C 73 3.98 -9.59 -29.99
N LYS C 74 2.94 -9.06 -29.36
CA LYS C 74 3.01 -8.63 -27.97
C LYS C 74 1.67 -8.88 -27.28
N ALA C 75 1.74 -9.40 -26.05
CA ALA C 75 0.58 -9.57 -25.21
C ALA C 75 0.84 -8.92 -23.86
N THR C 76 -0.15 -8.17 -23.36
CA THR C 76 -0.10 -7.63 -22.01
C THR C 76 -1.21 -8.28 -21.20
N CYS C 77 -0.85 -8.89 -20.08
CA CYS C 77 -1.76 -9.69 -19.27
C CYS C 77 -1.96 -9.02 -17.92
N PHE C 78 -3.20 -8.61 -17.65
CA PHE C 78 -3.56 -7.95 -16.40
C PHE C 78 -4.25 -8.96 -15.50
N LEU C 79 -3.66 -9.21 -14.34
CA LEU C 79 -4.17 -10.17 -13.37
C LEU C 79 -4.75 -9.43 -12.17
N SER C 80 -5.81 -10.01 -11.59
CA SER C 80 -6.33 -9.44 -10.34
C SER C 80 -5.59 -9.97 -9.12
N ASP C 81 -4.82 -11.04 -9.28
CA ASP C 81 -4.05 -11.62 -8.18
C ASP C 81 -2.88 -12.38 -8.79
N ILE C 82 -1.66 -11.85 -8.63
CA ILE C 82 -0.50 -12.47 -9.25
C ILE C 82 -0.16 -13.83 -8.65
N ASN C 83 -0.79 -14.21 -7.55
CA ASN C 83 -0.66 -15.57 -7.05
C ASN C 83 -1.37 -16.58 -7.94
N ASP C 84 -2.14 -16.12 -8.92
CA ASP C 84 -2.75 -16.98 -9.94
C ASP C 84 -1.82 -17.22 -11.12
N PHE C 85 -0.57 -16.76 -11.06
CA PHE C 85 0.27 -16.70 -12.25
C PHE C 85 0.47 -18.08 -12.88
N VAL C 86 0.86 -19.06 -12.06
CA VAL C 86 1.26 -20.36 -12.61
C VAL C 86 0.10 -21.03 -13.33
N ALA C 87 -1.08 -21.03 -12.72
CA ALA C 87 -2.24 -21.63 -13.37
C ALA C 87 -2.66 -20.84 -14.60
N PHE C 88 -2.53 -19.52 -14.55
CA PHE C 88 -2.70 -18.72 -15.77
C PHE C 88 -1.64 -19.07 -16.79
N ASN C 89 -0.41 -19.29 -16.34
CA ASN C 89 0.70 -19.52 -17.26
C ASN C 89 0.57 -20.84 -18.00
N GLU C 90 -0.02 -21.85 -17.35
CA GLU C 90 -0.19 -23.14 -17.99
C GLU C 90 -1.26 -23.10 -19.08
N VAL C 91 -2.36 -22.37 -18.83
CA VAL C 91 -3.40 -22.24 -19.84
C VAL C 91 -2.94 -21.32 -20.96
N TYR C 92 -2.20 -20.26 -20.62
CA TYR C 92 -1.71 -19.32 -21.61
C TYR C 92 -0.87 -20.01 -22.68
N LYS C 93 -0.03 -20.96 -22.28
CA LYS C 93 0.86 -21.61 -23.23
C LYS C 93 0.11 -22.51 -24.21
N THR C 94 -1.10 -22.97 -23.87
CA THR C 94 -1.83 -23.88 -24.73
C THR C 94 -2.38 -23.22 -25.97
N ALA C 95 -2.32 -21.89 -26.06
CA ALA C 95 -2.81 -21.19 -27.24
C ALA C 95 -1.76 -21.06 -28.34
N PHE C 96 -0.51 -21.39 -28.05
CA PHE C 96 0.60 -21.19 -28.98
C PHE C 96 1.21 -22.53 -29.36
N THR C 97 1.65 -22.62 -30.62
CA THR C 97 2.24 -23.84 -31.15
C THR C 97 3.72 -23.62 -31.44
N GLU C 98 4.06 -22.84 -32.46
CA GLU C 98 5.44 -22.65 -32.90
C GLU C 98 6.13 -21.53 -32.12
N ALA C 99 5.59 -20.32 -32.20
CA ALA C 99 6.24 -19.14 -31.63
C ALA C 99 5.44 -18.58 -30.47
N PHE C 100 6.14 -17.85 -29.60
CA PHE C 100 5.56 -17.13 -28.48
C PHE C 100 5.81 -15.64 -28.63
N PRO C 101 4.87 -14.80 -28.24
CA PRO C 101 5.07 -13.34 -28.34
C PRO C 101 5.76 -12.80 -27.10
N ALA C 102 6.15 -11.53 -27.20
CA ALA C 102 6.59 -10.81 -26.01
C ALA C 102 5.41 -10.60 -25.08
N ARG C 103 5.69 -10.54 -23.78
CA ARG C 103 4.63 -10.52 -22.79
C ARG C 103 5.01 -9.65 -21.60
N SER C 104 4.00 -9.07 -20.97
CA SER C 104 4.09 -8.49 -19.64
C SER C 104 2.90 -8.97 -18.82
N ALA C 105 3.16 -9.34 -17.56
CA ALA C 105 2.13 -9.82 -16.66
C ALA C 105 2.27 -9.08 -15.33
N VAL C 106 1.26 -8.28 -14.99
CA VAL C 106 1.26 -7.50 -13.75
C VAL C 106 -0.08 -7.70 -13.07
N GLU C 107 -0.10 -7.45 -11.76
CA GLU C 107 -1.33 -7.48 -10.98
C GLU C 107 -1.89 -6.07 -10.88
N VAL C 108 -3.13 -5.90 -11.34
CA VAL C 108 -3.83 -4.64 -11.24
C VAL C 108 -4.74 -4.68 -10.02
N ALA C 109 -5.30 -3.52 -9.66
CA ALA C 109 -6.18 -3.46 -8.49
C ALA C 109 -7.54 -4.06 -8.77
N ARG C 110 -8.06 -3.88 -9.98
CA ARG C 110 -9.39 -4.37 -10.29
C ARG C 110 -9.58 -4.36 -11.81
N LEU C 111 -10.36 -5.32 -12.29
CA LEU C 111 -10.66 -5.50 -13.71
C LEU C 111 -12.15 -5.35 -13.95
N PRO C 112 -12.55 -5.04 -15.19
CA PRO C 112 -13.98 -4.98 -15.51
C PRO C 112 -14.71 -6.27 -15.14
N LYS C 113 -15.91 -6.11 -14.59
CA LYS C 113 -16.74 -7.22 -14.10
C LYS C 113 -16.04 -8.02 -13.00
N ASP C 114 -14.98 -7.45 -12.41
CA ASP C 114 -14.22 -8.10 -11.34
C ASP C 114 -13.69 -9.47 -11.75
N VAL C 115 -13.25 -9.58 -13.01
CA VAL C 115 -12.68 -10.82 -13.53
C VAL C 115 -11.25 -10.97 -13.02
N LYS C 116 -10.68 -12.16 -13.21
CA LYS C 116 -9.34 -12.46 -12.73
C LYS C 116 -8.25 -12.20 -13.76
N ILE C 117 -8.61 -11.97 -15.02
CA ILE C 117 -7.62 -11.90 -16.08
C ILE C 117 -8.19 -11.09 -17.24
N GLU C 118 -7.35 -10.24 -17.82
CA GLU C 118 -7.65 -9.52 -19.05
C GLU C 118 -6.39 -9.51 -19.90
N ILE C 119 -6.52 -9.87 -21.17
CA ILE C 119 -5.39 -9.98 -22.08
C ILE C 119 -5.64 -9.11 -23.29
N GLU C 120 -4.71 -8.20 -23.57
CA GLU C 120 -4.69 -7.43 -24.80
C GLU C 120 -3.50 -7.88 -25.64
N VAL C 121 -3.72 -8.04 -26.95
CA VAL C 121 -2.67 -8.50 -27.84
C VAL C 121 -2.51 -7.53 -29.00
N ILE C 122 -1.31 -7.50 -29.55
CA ILE C 122 -1.01 -6.85 -30.82
C ILE C 122 -0.47 -7.94 -31.75
N ALA C 123 -1.02 -8.01 -32.95
CA ALA C 123 -0.68 -9.09 -33.88
C ALA C 123 -0.35 -8.54 -35.25
N GLU C 124 0.37 -9.35 -36.02
CA GLU C 124 0.74 -9.03 -37.39
C GLU C 124 -0.18 -9.76 -38.36
N ILE C 125 -0.65 -9.06 -39.37
CA ILE C 125 -1.47 -9.66 -40.43
C ILE C 125 -0.57 -9.83 -41.65
N LEU C 126 -0.37 -11.08 -42.07
CA LEU C 126 0.42 -11.37 -43.25
C LEU C 126 -0.39 -11.08 -44.52
N ALA D 2 -13.41 11.34 35.84
CA ALA D 2 -12.00 11.01 35.66
C ALA D 2 -11.10 12.10 36.24
N LYS D 3 -9.99 11.70 36.83
CA LYS D 3 -9.07 12.61 37.46
C LYS D 3 -7.79 12.75 36.64
N THR D 4 -7.10 13.86 36.84
CA THR D 4 -5.89 14.19 36.10
C THR D 4 -4.71 14.26 37.07
N ILE D 5 -3.57 13.70 36.65
CA ILE D 5 -2.37 13.64 37.47
C ILE D 5 -1.53 14.89 37.23
N HIS D 6 -1.11 15.53 38.32
CA HIS D 6 -0.21 16.68 38.28
C HIS D 6 0.85 16.48 39.35
N THR D 7 2.12 16.47 38.95
CA THR D 7 3.21 16.35 39.91
C THR D 7 4.44 17.08 39.40
N ASP D 8 5.09 17.82 40.31
CA ASP D 8 6.33 18.50 39.96
C ASP D 8 7.50 17.54 39.85
N LYS D 9 7.38 16.33 40.40
CA LYS D 9 8.45 15.34 40.36
C LYS D 9 8.56 14.66 39.00
N ALA D 10 7.67 14.96 38.07
CA ALA D 10 7.71 14.47 36.70
C ALA D 10 7.69 15.64 35.74
N PRO D 11 8.23 15.47 34.53
CA PRO D 11 8.22 16.59 33.57
C PRO D 11 6.82 17.13 33.34
N ALA D 12 6.70 18.45 33.38
CA ALA D 12 5.39 19.09 33.29
C ALA D 12 4.79 18.91 31.91
N ALA D 13 3.47 18.69 31.88
CA ALA D 13 2.74 18.54 30.63
C ALA D 13 2.32 19.93 30.15
N ILE D 14 3.26 20.61 29.48
CA ILE D 14 3.01 21.94 28.93
C ILE D 14 2.53 21.73 27.50
N GLY D 15 1.21 21.73 27.32
CA GLY D 15 0.61 21.51 26.03
C GLY D 15 -0.74 20.84 26.13
N PRO D 16 -1.27 20.38 25.00
CA PRO D 16 -2.60 19.76 24.96
C PRO D 16 -2.59 18.29 25.40
N TYR D 17 -2.00 18.03 26.56
CA TYR D 17 -1.92 16.68 27.10
C TYR D 17 -1.65 16.79 28.59
N VAL D 18 -1.82 15.66 29.29
CA VAL D 18 -1.58 15.58 30.71
C VAL D 18 -0.60 14.44 30.99
N GLN D 19 0.00 14.49 32.18
CA GLN D 19 0.93 13.44 32.59
C GLN D 19 0.24 12.10 32.75
N GLY D 20 -1.03 12.11 33.14
CA GLY D 20 -1.77 10.87 33.30
C GLY D 20 -3.23 11.17 33.58
N LYS D 21 -4.07 10.17 33.30
CA LYS D 21 -5.51 10.28 33.50
C LYS D 21 -6.01 9.00 34.11
N ILE D 22 -6.85 9.12 35.15
CA ILE D 22 -7.37 7.98 35.90
C ILE D 22 -8.84 7.79 35.54
N VAL D 23 -9.20 6.57 35.16
CA VAL D 23 -10.59 6.20 34.90
C VAL D 23 -10.85 4.87 35.60
N GLY D 24 -11.77 4.88 36.56
CA GLY D 24 -12.02 3.71 37.38
C GLY D 24 -10.82 3.40 38.24
N ASN D 25 -10.27 2.19 38.11
CA ASN D 25 -9.07 1.79 38.83
C ASN D 25 -7.85 1.69 37.92
N LEU D 26 -7.89 2.34 36.77
CA LEU D 26 -6.81 2.27 35.79
C LEU D 26 -6.19 3.65 35.62
N LEU D 27 -4.86 3.72 35.70
CA LEU D 27 -4.11 4.93 35.40
C LEU D 27 -3.50 4.79 34.01
N PHE D 28 -3.79 5.74 33.14
CA PHE D 28 -3.20 5.81 31.80
C PHE D 28 -2.20 6.96 31.81
N ALA D 29 -0.91 6.62 31.84
CA ALA D 29 0.15 7.62 31.90
C ALA D 29 0.69 7.91 30.52
N SER D 30 1.04 9.18 30.28
CA SER D 30 1.70 9.56 29.05
C SER D 30 3.04 8.85 28.92
N GLY D 31 3.49 8.70 27.68
CA GLY D 31 4.82 8.17 27.43
C GLY D 31 5.86 9.06 28.06
N GLN D 32 6.76 8.48 28.85
CA GLN D 32 7.78 9.23 29.56
C GLN D 32 9.14 9.07 28.89
N ILE D 33 9.87 10.17 28.80
CA ILE D 33 11.19 10.20 28.18
C ILE D 33 12.18 10.65 29.25
N PRO D 34 13.48 10.43 29.04
CA PRO D 34 14.45 10.81 30.07
C PRO D 34 14.63 12.31 30.21
N LEU D 35 13.58 13.01 30.63
CA LEU D 35 13.60 14.45 30.82
C LEU D 35 13.73 14.77 32.30
N SER D 36 14.53 15.76 32.62
CA SER D 36 14.62 16.23 34.00
C SER D 36 13.39 17.06 34.34
N PRO D 37 12.68 16.72 35.42
CA PRO D 37 11.55 17.57 35.84
C PRO D 37 11.98 18.96 36.28
N GLU D 38 13.24 19.13 36.68
CA GLU D 38 13.75 20.41 37.15
C GLU D 38 14.36 21.22 36.00
N THR D 39 15.43 20.71 35.40
CA THR D 39 16.13 21.45 34.35
C THR D 39 15.44 21.38 33.00
N GLY D 40 14.64 20.35 32.76
CA GLY D 40 13.98 20.19 31.48
C GLY D 40 14.87 19.72 30.36
N GLU D 41 16.07 19.22 30.66
CA GLU D 41 16.99 18.72 29.66
C GLU D 41 17.01 17.20 29.68
N ILE D 42 17.71 16.63 28.69
CA ILE D 42 17.89 15.19 28.63
C ILE D 42 18.85 14.76 29.72
N ILE D 43 18.47 13.75 30.49
CA ILE D 43 19.29 13.20 31.55
C ILE D 43 19.84 11.87 31.07
N GLY D 44 21.15 11.79 30.89
CA GLY D 44 21.80 10.54 30.55
C GLY D 44 22.25 10.50 29.10
N THR D 45 23.43 9.93 28.88
CA THR D 45 23.94 9.70 27.53
C THR D 45 23.79 8.25 27.09
N THR D 46 23.75 7.31 28.03
CA THR D 46 23.62 5.89 27.74
C THR D 46 22.18 5.44 27.95
N ILE D 47 21.89 4.24 27.44
CA ILE D 47 20.54 3.68 27.60
C ILE D 47 20.24 3.42 29.08
N GLU D 48 21.25 3.00 29.85
CA GLU D 48 21.05 2.76 31.27
C GLU D 48 20.71 4.04 32.00
N GLU D 49 21.46 5.11 31.74
CA GLU D 49 21.21 6.38 32.41
C GLU D 49 19.88 6.97 32.01
N GLN D 50 19.53 6.91 30.72
CA GLN D 50 18.24 7.45 30.27
C GLN D 50 17.09 6.62 30.81
N THR D 51 17.24 5.29 30.86
CA THR D 51 16.18 4.45 31.41
C THR D 51 15.90 4.80 32.87
N GLN D 52 16.97 5.05 33.65
CA GLN D 52 16.80 5.38 35.06
C GLN D 52 16.01 6.67 35.22
N GLN D 53 16.24 7.65 34.35
CA GLN D 53 15.47 8.89 34.42
C GLN D 53 14.02 8.66 34.03
N VAL D 54 13.77 7.76 33.07
CA VAL D 54 12.39 7.42 32.72
C VAL D 54 11.69 6.77 33.90
N LEU D 55 12.37 5.84 34.58
CA LEU D 55 11.77 5.17 35.73
C LEU D 55 11.44 6.18 36.84
N LYS D 56 12.31 7.16 37.04
CA LYS D 56 12.01 8.21 38.02
C LYS D 56 10.76 8.98 37.60
N ASN D 57 10.69 9.39 36.34
CA ASN D 57 9.51 10.11 35.85
C ASN D 57 8.25 9.28 35.98
N VAL D 58 8.32 7.99 35.60
CA VAL D 58 7.16 7.12 35.72
C VAL D 58 6.78 6.91 37.18
N SER D 59 7.78 6.71 38.05
CA SER D 59 7.49 6.51 39.47
C SER D 59 6.77 7.72 40.07
N ALA D 60 7.19 8.93 39.67
CA ALA D 60 6.55 10.13 40.17
C ALA D 60 5.06 10.15 39.81
N ILE D 61 4.73 9.79 38.57
CA ILE D 61 3.34 9.75 38.16
C ILE D 61 2.60 8.63 38.90
N LEU D 62 3.26 7.48 39.09
CA LEU D 62 2.65 6.39 39.84
C LEU D 62 2.38 6.79 41.28
N GLU D 63 3.36 7.45 41.91
CA GLU D 63 3.18 7.88 43.29
C GLU D 63 2.08 8.91 43.41
N ALA D 64 2.00 9.84 42.47
CA ALA D 64 0.94 10.85 42.50
C ALA D 64 -0.44 10.23 42.31
N ALA D 65 -0.52 9.11 41.59
CA ALA D 65 -1.80 8.44 41.37
C ALA D 65 -2.18 7.50 42.50
N GLY D 66 -1.26 7.22 43.42
CA GLY D 66 -1.55 6.29 44.50
C GLY D 66 -1.24 4.84 44.18
N THR D 67 -0.22 4.59 43.37
CA THR D 67 0.14 3.22 43.02
C THR D 67 1.66 3.17 42.87
N ASP D 68 2.17 1.99 42.48
CA ASP D 68 3.60 1.75 42.40
C ASP D 68 3.88 0.88 41.18
N PHE D 69 5.15 0.49 41.03
CA PHE D 69 5.55 -0.33 39.88
C PHE D 69 4.93 -1.72 39.96
N ASP D 70 4.82 -2.28 41.17
CA ASP D 70 4.28 -3.63 41.32
C ASP D 70 2.81 -3.73 40.95
N HIS D 71 2.12 -2.60 40.75
CA HIS D 71 0.74 -2.61 40.30
C HIS D 71 0.58 -2.00 38.90
N VAL D 72 1.68 -1.80 38.18
CA VAL D 72 1.60 -1.51 36.76
C VAL D 72 1.10 -2.74 36.03
N VAL D 73 0.10 -2.56 35.18
CA VAL D 73 -0.52 -3.69 34.48
C VAL D 73 0.15 -3.95 33.14
N LYS D 74 0.40 -2.90 32.36
CA LYS D 74 0.96 -3.02 31.03
C LYS D 74 1.96 -1.91 30.80
N ALA D 75 3.11 -2.26 30.21
CA ALA D 75 4.11 -1.30 29.82
C ALA D 75 4.42 -1.47 28.34
N THR D 76 4.52 -0.35 27.62
CA THR D 76 4.95 -0.36 26.23
C THR D 76 6.25 0.43 26.14
N CYS D 77 7.30 -0.23 25.66
CA CYS D 77 8.63 0.35 25.60
C CYS D 77 8.99 0.67 24.16
N PHE D 78 9.27 1.94 23.89
CA PHE D 78 9.71 2.40 22.58
C PHE D 78 11.21 2.66 22.63
N LEU D 79 11.98 1.91 21.84
CA LEU D 79 13.42 2.06 21.76
C LEU D 79 13.80 2.68 20.42
N SER D 80 14.83 3.53 20.42
CA SER D 80 15.38 4.02 19.16
C SER D 80 16.35 3.03 18.54
N ASP D 81 16.78 2.02 19.28
CA ASP D 81 17.70 0.99 18.77
C ASP D 81 17.45 -0.27 19.58
N ILE D 82 16.97 -1.32 18.93
CA ILE D 82 16.61 -2.56 19.62
C ILE D 82 17.84 -3.24 20.21
N ASN D 83 19.04 -2.90 19.74
CA ASN D 83 20.26 -3.47 20.31
C ASN D 83 20.45 -3.04 21.76
N ASP D 84 19.85 -1.93 22.18
CA ASP D 84 19.90 -1.50 23.57
C ASP D 84 18.94 -2.27 24.47
N PHE D 85 18.17 -3.22 23.92
CA PHE D 85 17.09 -3.84 24.69
C PHE D 85 17.64 -4.65 25.86
N VAL D 86 18.78 -5.32 25.67
CA VAL D 86 19.36 -6.10 26.76
C VAL D 86 19.80 -5.18 27.89
N ALA D 87 20.57 -4.14 27.57
CA ALA D 87 20.99 -3.19 28.60
C ALA D 87 19.79 -2.49 29.23
N PHE D 88 18.77 -2.19 28.43
CA PHE D 88 17.56 -1.56 28.96
C PHE D 88 16.90 -2.43 30.02
N ASN D 89 16.74 -3.72 29.72
CA ASN D 89 16.08 -4.62 30.66
C ASN D 89 16.84 -4.75 31.97
N GLU D 90 18.17 -4.63 31.93
CA GLU D 90 18.96 -4.78 33.15
C GLU D 90 18.67 -3.66 34.14
N VAL D 91 18.33 -2.47 33.66
CA VAL D 91 17.92 -1.38 34.54
C VAL D 91 16.42 -1.39 34.77
N TYR D 92 15.66 -1.75 33.74
CA TYR D 92 14.20 -1.79 33.86
C TYR D 92 13.74 -2.79 34.92
N LYS D 93 14.44 -3.91 35.07
CA LYS D 93 14.03 -4.91 36.05
C LYS D 93 14.15 -4.40 37.48
N THR D 94 15.09 -3.48 37.74
CA THR D 94 15.31 -3.02 39.11
C THR D 94 14.17 -2.17 39.65
N ALA D 95 13.21 -1.78 38.80
CA ALA D 95 12.09 -0.96 39.25
C ALA D 95 11.01 -1.77 39.96
N PHE D 96 11.02 -3.09 39.83
CA PHE D 96 9.96 -3.94 40.34
C PHE D 96 10.50 -4.87 41.42
N THR D 97 9.64 -5.19 42.38
CA THR D 97 10.01 -6.06 43.49
C THR D 97 9.20 -7.34 43.52
N GLU D 98 7.87 -7.25 43.55
CA GLU D 98 7.04 -8.43 43.75
C GLU D 98 6.35 -8.93 42.48
N ALA D 99 6.19 -8.08 41.47
CA ALA D 99 5.50 -8.49 40.25
C ALA D 99 5.98 -7.66 39.08
N PHE D 100 6.01 -8.30 37.91
CA PHE D 100 6.35 -7.74 36.61
C PHE D 100 5.09 -7.51 35.78
N PRO D 101 5.00 -6.39 35.08
CA PRO D 101 3.82 -6.14 34.24
C PRO D 101 3.94 -6.79 32.88
N ALA D 102 2.80 -6.84 32.17
CA ALA D 102 2.82 -7.19 30.76
C ALA D 102 3.57 -6.13 29.98
N ARG D 103 4.21 -6.55 28.89
CA ARG D 103 5.13 -5.67 28.20
C ARG D 103 5.04 -5.88 26.69
N SER D 104 5.23 -4.79 25.95
CA SER D 104 5.51 -4.82 24.53
C SER D 104 6.67 -3.89 24.26
N ALA D 105 7.52 -4.27 23.32
CA ALA D 105 8.73 -3.51 23.02
C ALA D 105 8.99 -3.54 21.52
N VAL D 106 9.21 -2.36 20.94
CA VAL D 106 9.51 -2.22 19.51
C VAL D 106 10.57 -1.14 19.35
N GLU D 107 11.23 -1.17 18.19
CA GLU D 107 12.14 -0.10 17.80
C GLU D 107 11.43 0.82 16.83
N VAL D 108 11.26 2.08 17.23
CA VAL D 108 10.59 3.06 16.38
C VAL D 108 11.64 3.82 15.57
N ALA D 109 11.17 4.60 14.59
CA ALA D 109 12.10 5.32 13.73
C ALA D 109 12.77 6.47 14.47
N ARG D 110 12.03 7.14 15.37
CA ARG D 110 12.59 8.26 16.11
C ARG D 110 11.68 8.57 17.28
N LEU D 111 12.29 9.03 18.37
CA LEU D 111 11.60 9.40 19.59
C LEU D 111 11.72 10.91 19.84
N PRO D 112 10.83 11.48 20.65
CA PRO D 112 10.92 12.92 20.96
C PRO D 112 12.29 13.27 21.54
N LYS D 113 12.88 14.35 20.98
CA LYS D 113 14.18 14.85 21.39
C LYS D 113 15.30 13.84 21.19
N ASP D 114 15.08 12.86 20.32
CA ASP D 114 16.08 11.86 19.95
C ASP D 114 16.55 11.04 21.15
N VAL D 115 15.66 10.80 22.11
CA VAL D 115 16.01 9.99 23.27
C VAL D 115 16.09 8.53 22.85
N LYS D 116 16.66 7.69 23.71
CA LYS D 116 16.82 6.27 23.39
C LYS D 116 15.66 5.41 23.85
N ILE D 117 14.86 5.88 24.82
CA ILE D 117 13.84 5.04 25.43
C ILE D 117 12.64 5.92 25.80
N GLU D 118 11.45 5.38 25.59
CA GLU D 118 10.22 5.99 26.06
C GLU D 118 9.30 4.88 26.54
N ILE D 119 8.71 5.06 27.72
CA ILE D 119 7.88 4.03 28.36
C ILE D 119 6.53 4.64 28.71
N GLU D 120 5.46 4.02 28.22
CA GLU D 120 4.11 4.34 28.63
C GLU D 120 3.56 3.17 29.44
N VAL D 121 2.96 3.47 30.58
CA VAL D 121 2.49 2.43 31.50
C VAL D 121 1.00 2.58 31.72
N ILE D 122 0.37 1.45 32.06
CA ILE D 122 -0.98 1.41 32.60
C ILE D 122 -0.89 0.72 33.96
N ALA D 123 -1.46 1.34 34.98
CA ALA D 123 -1.35 0.84 36.34
C ALA D 123 -2.72 0.74 36.99
N GLU D 124 -2.81 -0.13 37.99
CA GLU D 124 -4.03 -0.34 38.75
C GLU D 124 -3.98 0.53 40.00
N ILE D 125 -5.09 1.22 40.29
CA ILE D 125 -5.21 2.07 41.47
C ILE D 125 -5.86 1.23 42.56
N LEU D 126 -5.04 0.77 43.51
CA LEU D 126 -5.54 -0.01 44.63
C LEU D 126 -6.18 0.89 45.68
N ALA E 2 11.23 9.18 -34.50
CA ALA E 2 12.02 10.32 -34.94
C ALA E 2 11.37 11.63 -34.54
N LYS E 3 10.29 12.00 -35.23
CA LYS E 3 9.60 13.24 -34.93
C LYS E 3 8.85 13.13 -33.60
N THR E 4 8.98 14.17 -32.77
CA THR E 4 8.31 14.22 -31.48
C THR E 4 7.36 15.41 -31.44
N ILE E 5 6.57 15.48 -30.39
CA ILE E 5 5.53 16.49 -30.22
C ILE E 5 5.88 17.38 -29.05
N HIS E 6 5.76 18.70 -29.24
CA HIS E 6 6.08 19.68 -28.21
C HIS E 6 5.07 20.82 -28.23
N THR E 7 3.78 20.48 -28.30
CA THR E 7 2.75 21.50 -28.30
C THR E 7 2.54 22.10 -26.92
N ASP E 8 2.10 23.35 -26.89
CA ASP E 8 1.80 24.04 -25.64
C ASP E 8 0.35 23.88 -25.21
N LYS E 9 -0.54 23.44 -26.10
CA LYS E 9 -1.93 23.22 -25.71
C LYS E 9 -2.10 22.02 -24.80
N ALA E 10 -1.06 21.22 -24.61
CA ALA E 10 -1.01 20.15 -23.63
C ALA E 10 0.11 20.42 -22.64
N PRO E 11 -0.01 19.96 -21.39
CA PRO E 11 1.04 20.20 -20.41
C PRO E 11 2.39 19.69 -20.89
N ALA E 12 3.42 20.52 -20.71
CA ALA E 12 4.75 20.19 -21.20
C ALA E 12 5.28 18.94 -20.52
N ALA E 13 6.06 18.17 -21.27
CA ALA E 13 6.68 16.95 -20.76
C ALA E 13 7.91 17.36 -19.95
N ILE E 14 7.71 17.49 -18.65
CA ILE E 14 8.80 17.84 -17.73
C ILE E 14 9.41 16.53 -17.24
N GLY E 15 10.66 16.28 -17.63
CA GLY E 15 11.34 15.06 -17.28
C GLY E 15 11.84 14.32 -18.50
N PRO E 16 12.33 13.09 -18.29
CA PRO E 16 12.91 12.30 -19.39
C PRO E 16 11.85 11.60 -20.23
N TYR E 17 10.97 12.40 -20.85
CA TYR E 17 9.98 11.87 -21.77
C TYR E 17 9.44 13.02 -22.61
N VAL E 18 8.67 12.66 -23.63
CA VAL E 18 8.07 13.63 -24.54
C VAL E 18 6.55 13.42 -24.54
N GLN E 19 5.85 14.42 -25.07
CA GLN E 19 4.39 14.31 -25.19
C GLN E 19 3.99 13.18 -26.14
N GLY E 20 4.80 12.93 -27.16
CA GLY E 20 4.51 11.88 -28.13
C GLY E 20 5.66 11.69 -29.10
N LYS E 21 5.77 10.49 -29.66
CA LYS E 21 6.84 10.15 -30.59
C LYS E 21 6.24 9.41 -31.77
N ILE E 22 6.57 9.87 -32.98
CA ILE E 22 5.99 9.33 -34.21
C ILE E 22 6.98 8.37 -34.85
N VAL E 23 6.51 7.17 -35.19
CA VAL E 23 7.27 6.19 -35.95
C VAL E 23 6.41 5.75 -37.12
N GLY E 24 6.86 6.06 -38.34
CA GLY E 24 6.07 5.72 -39.51
C GLY E 24 4.80 6.54 -39.55
N ASN E 25 3.67 5.84 -39.64
CA ASN E 25 2.36 6.48 -39.63
C ASN E 25 1.67 6.36 -38.27
N LEU E 26 2.39 5.94 -37.24
CA LEU E 26 1.83 5.69 -35.93
C LEU E 26 2.36 6.72 -34.93
N LEU E 27 1.43 7.38 -34.24
CA LEU E 27 1.78 8.28 -33.15
C LEU E 27 1.63 7.53 -31.82
N PHE E 28 2.68 7.50 -31.03
CA PHE E 28 2.66 6.92 -29.69
C PHE E 28 2.64 8.08 -28.69
N ALA E 29 1.47 8.36 -28.12
CA ALA E 29 1.31 9.47 -27.20
C ALA E 29 1.55 9.02 -25.77
N SER E 30 2.16 9.90 -24.97
CA SER E 30 2.35 9.62 -23.56
C SER E 30 1.00 9.61 -22.85
N GLY E 31 0.93 8.87 -21.75
CA GLY E 31 -0.26 8.86 -20.91
C GLY E 31 -0.61 10.25 -20.42
N GLN E 32 -1.83 10.69 -20.67
CA GLN E 32 -2.26 12.04 -20.29
C GLN E 32 -3.12 11.98 -19.03
N ILE E 33 -2.85 12.90 -18.10
CA ILE E 33 -3.58 13.01 -16.85
C ILE E 33 -4.32 14.34 -16.87
N PRO E 34 -5.30 14.58 -16.00
CA PRO E 34 -6.07 15.83 -16.07
C PRO E 34 -5.29 17.05 -15.61
N LEU E 35 -4.15 17.30 -16.24
CA LEU E 35 -3.33 18.46 -15.93
C LEU E 35 -3.66 19.61 -16.86
N SER E 36 -3.62 20.83 -16.31
CA SER E 36 -3.96 22.03 -17.06
C SER E 36 -2.71 22.59 -17.73
N PRO E 37 -2.70 22.79 -19.05
CA PRO E 37 -1.54 23.43 -19.69
C PRO E 37 -1.47 24.93 -19.43
N GLU E 38 -2.48 25.51 -18.79
CA GLU E 38 -2.49 26.94 -18.49
C GLU E 38 -2.10 27.27 -17.06
N THR E 39 -2.35 26.35 -16.12
CA THR E 39 -2.02 26.58 -14.73
C THR E 39 -1.14 25.51 -14.11
N GLY E 40 -0.98 24.36 -14.75
CA GLY E 40 -0.24 23.26 -14.16
C GLY E 40 -0.94 22.60 -13.00
N GLU E 41 -2.24 22.84 -12.81
CA GLU E 41 -3.01 22.28 -11.72
C GLU E 41 -3.92 21.16 -12.24
N ILE E 42 -4.38 20.33 -11.33
CA ILE E 42 -5.31 19.26 -11.66
C ILE E 42 -6.70 19.85 -11.82
N ILE E 43 -7.34 19.57 -12.94
CA ILE E 43 -8.67 20.10 -13.26
C ILE E 43 -9.71 19.06 -12.87
N GLY E 44 -10.55 19.40 -11.91
CA GLY E 44 -11.71 18.58 -11.59
C GLY E 44 -11.46 17.65 -10.41
N THR E 45 -12.53 17.37 -9.67
CA THR E 45 -12.49 16.41 -8.57
C THR E 45 -13.39 15.20 -8.81
N THR E 46 -14.04 15.13 -9.97
CA THR E 46 -14.86 13.98 -10.34
C THR E 46 -14.24 13.31 -11.56
N ILE E 47 -14.69 12.07 -11.83
CA ILE E 47 -14.18 11.35 -12.98
C ILE E 47 -14.56 12.06 -14.28
N GLU E 48 -15.75 12.67 -14.31
CA GLU E 48 -16.20 13.35 -15.52
C GLU E 48 -15.34 14.57 -15.84
N GLU E 49 -15.12 15.43 -14.85
CA GLU E 49 -14.33 16.64 -15.08
C GLU E 49 -12.89 16.30 -15.45
N GLN E 50 -12.30 15.34 -14.76
CA GLN E 50 -10.92 14.97 -15.05
C GLN E 50 -10.79 14.32 -16.43
N THR E 51 -11.74 13.47 -16.79
CA THR E 51 -11.72 12.86 -18.12
C THR E 51 -11.81 13.92 -19.20
N GLN E 52 -12.63 14.96 -18.98
CA GLN E 52 -12.73 16.05 -19.95
C GLN E 52 -11.38 16.73 -20.15
N GLN E 53 -10.64 16.94 -19.06
CA GLN E 53 -9.32 17.56 -19.19
C GLN E 53 -8.33 16.63 -19.87
N VAL E 54 -8.42 15.32 -19.60
CA VAL E 54 -7.56 14.36 -20.27
C VAL E 54 -7.82 14.36 -21.77
N LEU E 55 -9.10 14.34 -22.16
CA LEU E 55 -9.44 14.36 -23.58
C LEU E 55 -8.91 15.63 -24.25
N LYS E 56 -8.94 16.76 -23.55
CA LYS E 56 -8.39 18.00 -24.11
C LYS E 56 -6.89 17.87 -24.34
N ASN E 57 -6.16 17.33 -23.34
CA ASN E 57 -4.72 17.19 -23.49
C ASN E 57 -4.38 16.21 -24.61
N VAL E 58 -5.11 15.11 -24.71
CA VAL E 58 -4.91 14.16 -25.81
C VAL E 58 -5.19 14.84 -27.15
N SER E 59 -6.33 15.55 -27.24
CA SER E 59 -6.68 16.24 -28.48
C SER E 59 -5.59 17.23 -28.89
N ALA E 60 -4.95 17.88 -27.93
CA ALA E 60 -3.82 18.76 -28.23
C ALA E 60 -2.70 18.02 -28.94
N ILE E 61 -2.31 16.86 -28.40
CA ILE E 61 -1.19 16.11 -28.97
C ILE E 61 -1.57 15.51 -30.31
N LEU E 62 -2.83 15.10 -30.47
CA LEU E 62 -3.29 14.56 -31.75
C LEU E 62 -3.23 15.63 -32.84
N GLU E 63 -3.71 16.84 -32.54
CA GLU E 63 -3.69 17.90 -33.54
C GLU E 63 -2.27 18.30 -33.90
N ALA E 64 -1.38 18.38 -32.91
CA ALA E 64 0.00 18.73 -33.18
C ALA E 64 0.71 17.68 -34.02
N ALA E 65 0.20 16.45 -34.03
CA ALA E 65 0.76 15.39 -34.86
C ALA E 65 0.07 15.27 -36.21
N GLY E 66 -1.01 16.02 -36.43
CA GLY E 66 -1.72 15.96 -37.69
C GLY E 66 -2.77 14.87 -37.77
N THR E 67 -3.37 14.49 -36.64
CA THR E 67 -4.38 13.45 -36.61
C THR E 67 -5.51 13.92 -35.70
N ASP E 68 -6.42 13.00 -35.38
CA ASP E 68 -7.62 13.34 -34.62
C ASP E 68 -8.07 12.11 -33.83
N PHE E 69 -9.16 12.27 -33.08
CA PHE E 69 -9.69 11.17 -32.29
C PHE E 69 -10.17 10.02 -33.16
N ASP E 70 -10.80 10.33 -34.29
CA ASP E 70 -11.34 9.28 -35.17
C ASP E 70 -10.26 8.41 -35.78
N HIS E 71 -8.99 8.82 -35.72
CA HIS E 71 -7.88 8.03 -36.22
C HIS E 71 -7.03 7.42 -35.12
N VAL E 72 -7.49 7.52 -33.86
CA VAL E 72 -6.88 6.72 -32.80
C VAL E 72 -7.21 5.25 -33.07
N VAL E 73 -6.18 4.40 -33.01
CA VAL E 73 -6.36 2.98 -33.24
C VAL E 73 -6.48 2.20 -31.93
N LYS E 74 -5.73 2.59 -30.90
CA LYS E 74 -5.72 1.88 -29.63
C LYS E 74 -5.56 2.87 -28.49
N ALA E 75 -6.41 2.74 -27.47
CA ALA E 75 -6.30 3.52 -26.26
C ALA E 75 -6.26 2.60 -25.06
N THR E 76 -5.42 2.94 -24.09
CA THR E 76 -5.37 2.24 -22.80
C THR E 76 -5.77 3.23 -21.72
N CYS E 77 -6.81 2.89 -20.97
CA CYS E 77 -7.37 3.76 -19.94
C CYS E 77 -7.03 3.20 -18.57
N PHE E 78 -6.26 3.96 -17.80
CA PHE E 78 -5.92 3.61 -16.42
C PHE E 78 -6.81 4.40 -15.47
N LEU E 79 -7.63 3.70 -14.71
CA LEU E 79 -8.50 4.32 -13.72
C LEU E 79 -7.98 4.01 -12.31
N SER E 80 -8.21 4.93 -11.38
CA SER E 80 -7.92 4.69 -9.98
C SER E 80 -9.07 4.02 -9.26
N ASP E 81 -10.29 4.14 -9.79
CA ASP E 81 -11.46 3.49 -9.20
C ASP E 81 -12.37 3.08 -10.35
N ILE E 82 -12.50 1.76 -10.57
CA ILE E 82 -13.32 1.26 -11.67
C ILE E 82 -14.80 1.49 -11.46
N ASN E 83 -15.23 1.84 -10.24
CA ASN E 83 -16.60 2.29 -10.05
C ASN E 83 -16.91 3.53 -10.87
N ASP E 84 -15.89 4.26 -11.31
CA ASP E 84 -16.06 5.41 -12.20
C ASP E 84 -16.16 5.04 -13.66
N PHE E 85 -16.19 3.74 -13.99
CA PHE E 85 -16.06 3.33 -15.39
C PHE E 85 -17.27 3.73 -16.22
N VAL E 86 -18.47 3.58 -15.66
CA VAL E 86 -19.68 3.95 -16.39
C VAL E 86 -19.68 5.44 -16.69
N ALA E 87 -19.41 6.26 -15.68
CA ALA E 87 -19.36 7.71 -15.89
C ALA E 87 -18.22 8.09 -16.82
N PHE E 88 -17.08 7.39 -16.71
CA PHE E 88 -15.94 7.66 -17.59
C PHE E 88 -16.29 7.40 -19.05
N ASN E 89 -16.98 6.28 -19.32
CA ASN E 89 -17.34 5.95 -20.70
C ASN E 89 -18.23 7.03 -21.32
N GLU E 90 -19.14 7.60 -20.54
CA GLU E 90 -20.05 8.60 -21.09
C GLU E 90 -19.30 9.85 -21.55
N VAL E 91 -18.27 10.26 -20.81
CA VAL E 91 -17.47 11.40 -21.24
C VAL E 91 -16.49 10.99 -22.33
N TYR E 92 -15.91 9.79 -22.21
CA TYR E 92 -14.96 9.31 -23.20
C TYR E 92 -15.59 9.20 -24.58
N LYS E 93 -16.88 8.82 -24.63
CA LYS E 93 -17.56 8.66 -25.93
C LYS E 93 -17.72 9.98 -26.67
N THR E 94 -17.74 11.12 -25.95
CA THR E 94 -18.00 12.40 -26.58
C THR E 94 -16.87 12.87 -27.48
N ALA E 95 -15.68 12.27 -27.35
CA ALA E 95 -14.53 12.69 -28.13
C ALA E 95 -14.53 12.14 -29.56
N PHE E 96 -15.34 11.12 -29.85
CA PHE E 96 -15.31 10.44 -31.12
C PHE E 96 -16.58 10.73 -31.92
N THR E 97 -16.46 10.67 -33.24
CA THR E 97 -17.58 10.96 -34.13
C THR E 97 -17.82 9.83 -35.11
N GLU E 98 -16.82 9.50 -35.92
CA GLU E 98 -16.98 8.51 -36.97
C GLU E 98 -16.63 7.09 -36.54
N ALA E 99 -15.68 6.93 -35.62
CA ALA E 99 -15.21 5.60 -35.27
C ALA E 99 -14.76 5.58 -33.82
N PHE E 100 -14.71 4.37 -33.25
CA PHE E 100 -14.16 4.10 -31.94
C PHE E 100 -12.92 3.23 -32.06
N PRO E 101 -11.90 3.47 -31.26
CA PRO E 101 -10.68 2.65 -31.30
C PRO E 101 -10.81 1.42 -30.41
N ALA E 102 -9.83 0.53 -30.57
CA ALA E 102 -9.69 -0.58 -29.62
C ALA E 102 -9.27 -0.03 -28.27
N ARG E 103 -9.70 -0.69 -27.20
CA ARG E 103 -9.50 -0.15 -25.87
C ARG E 103 -9.21 -1.26 -24.87
N SER E 104 -8.38 -0.94 -23.89
CA SER E 104 -8.22 -1.72 -22.67
C SER E 104 -8.40 -0.78 -21.48
N ALA E 105 -9.12 -1.25 -20.47
CA ALA E 105 -9.40 -0.45 -19.29
C ALA E 105 -9.16 -1.30 -18.05
N VAL E 106 -8.35 -0.78 -17.12
CA VAL E 106 -8.06 -1.46 -15.87
C VAL E 106 -8.04 -0.43 -14.75
N GLU E 107 -8.23 -0.91 -13.52
CA GLU E 107 -8.03 -0.10 -12.33
C GLU E 107 -6.63 -0.39 -11.79
N VAL E 108 -5.80 0.66 -11.72
CA VAL E 108 -4.46 0.54 -11.17
C VAL E 108 -4.51 0.94 -9.70
N ALA E 109 -3.41 0.72 -9.00
CA ALA E 109 -3.37 1.07 -7.58
C ALA E 109 -3.34 2.57 -7.37
N ARG E 110 -2.60 3.28 -8.22
CA ARG E 110 -2.42 4.72 -8.04
C ARG E 110 -1.89 5.32 -9.33
N LEU E 111 -2.20 6.59 -9.55
CA LEU E 111 -1.80 7.33 -10.72
C LEU E 111 -0.99 8.55 -10.32
N PRO E 112 -0.23 9.15 -11.25
CA PRO E 112 0.48 10.39 -10.92
C PRO E 112 -0.47 11.46 -10.41
N LYS E 113 -0.03 12.17 -9.37
CA LYS E 113 -0.78 13.23 -8.72
C LYS E 113 -2.12 12.74 -8.16
N ASP E 114 -2.23 11.43 -7.94
CA ASP E 114 -3.45 10.81 -7.38
C ASP E 114 -4.68 11.11 -8.23
N VAL E 115 -4.51 11.30 -9.53
CA VAL E 115 -5.62 11.58 -10.42
C VAL E 115 -6.45 10.32 -10.62
N LYS E 116 -7.65 10.47 -11.16
CA LYS E 116 -8.58 9.35 -11.33
C LYS E 116 -8.47 8.66 -12.67
N ILE E 117 -7.76 9.24 -13.64
CA ILE E 117 -7.79 8.71 -14.99
C ILE E 117 -6.50 9.11 -15.71
N GLU E 118 -5.93 8.16 -16.44
CA GLU E 118 -4.83 8.41 -17.36
C GLU E 118 -5.09 7.63 -18.63
N ILE E 119 -5.02 8.31 -19.78
CA ILE E 119 -5.28 7.71 -21.07
C ILE E 119 -4.03 7.85 -21.94
N GLU E 120 -3.54 6.73 -22.44
CA GLU E 120 -2.52 6.72 -23.48
C GLU E 120 -3.13 6.20 -24.77
N VAL E 121 -2.80 6.83 -25.88
CA VAL E 121 -3.40 6.50 -27.17
C VAL E 121 -2.32 6.21 -28.19
N ILE E 122 -2.67 5.37 -29.16
CA ILE E 122 -1.89 5.16 -30.37
C ILE E 122 -2.78 5.59 -31.53
N ALA E 123 -2.24 6.43 -32.41
CA ALA E 123 -3.04 7.05 -33.45
C ALA E 123 -2.37 6.89 -34.81
N GLU E 124 -3.20 6.84 -35.85
CA GLU E 124 -2.72 6.73 -37.22
C GLU E 124 -2.60 8.12 -37.84
N ILE E 125 -1.44 8.39 -38.44
CA ILE E 125 -1.16 9.67 -39.08
C ILE E 125 -1.42 9.51 -40.57
N LEU E 126 -2.46 10.16 -41.08
CA LEU E 126 -2.76 10.11 -42.51
C LEU E 126 -1.84 11.05 -43.28
N LYS F 3 10.87 -12.66 -36.17
CA LYS F 3 12.14 -12.53 -35.47
C LYS F 3 11.93 -12.31 -33.97
N THR F 4 12.58 -13.13 -33.16
CA THR F 4 12.54 -13.02 -31.71
C THR F 4 13.96 -12.84 -31.18
N ILE F 5 14.06 -12.15 -30.05
CA ILE F 5 15.34 -11.82 -29.43
C ILE F 5 15.66 -12.87 -28.38
N HIS F 6 16.87 -13.42 -28.43
CA HIS F 6 17.35 -14.36 -27.42
C HIS F 6 18.79 -13.96 -27.09
N THR F 7 18.97 -13.31 -25.93
CA THR F 7 20.30 -12.89 -25.48
C THR F 7 20.51 -13.33 -24.04
N ASP F 8 21.70 -13.86 -23.77
CA ASP F 8 22.05 -14.21 -22.39
C ASP F 8 22.38 -12.99 -21.56
N LYS F 9 22.55 -11.82 -22.17
CA LYS F 9 22.80 -10.60 -21.40
C LYS F 9 21.55 -10.07 -20.73
N ALA F 10 20.40 -10.69 -20.96
CA ALA F 10 19.13 -10.36 -20.33
C ALA F 10 18.56 -11.62 -19.67
N PRO F 11 17.71 -11.47 -18.66
CA PRO F 11 17.14 -12.66 -18.01
C PRO F 11 16.41 -13.54 -19.01
N ALA F 12 16.64 -14.84 -18.89
CA ALA F 12 16.08 -15.80 -19.82
C ALA F 12 14.55 -15.79 -19.75
N ALA F 13 13.90 -15.73 -20.91
CA ALA F 13 12.46 -15.88 -20.99
C ALA F 13 12.11 -17.33 -20.73
N ILE F 14 11.67 -17.63 -19.51
CA ILE F 14 11.46 -19.02 -19.10
C ILE F 14 10.18 -19.58 -19.70
N GLY F 15 9.05 -18.95 -19.41
CA GLY F 15 7.77 -19.51 -19.78
C GLY F 15 7.42 -19.35 -21.24
N PRO F 16 6.12 -19.32 -21.54
CA PRO F 16 5.64 -19.16 -22.92
C PRO F 16 5.68 -17.72 -23.41
N TYR F 17 6.89 -17.16 -23.49
CA TYR F 17 7.07 -15.83 -24.05
C TYR F 17 8.53 -15.67 -24.44
N VAL F 18 8.80 -14.63 -25.23
CA VAL F 18 10.15 -14.31 -25.67
C VAL F 18 10.54 -12.96 -25.10
N GLN F 19 11.86 -12.72 -25.02
CA GLN F 19 12.36 -11.44 -24.54
C GLN F 19 11.89 -10.29 -25.42
N GLY F 20 11.78 -10.51 -26.73
CA GLY F 20 11.31 -9.50 -27.64
C GLY F 20 10.88 -10.06 -28.98
N LYS F 21 9.94 -9.39 -29.65
CA LYS F 21 9.50 -9.82 -30.97
C LYS F 21 9.43 -8.61 -31.90
N ILE F 22 9.76 -8.83 -33.16
CA ILE F 22 9.91 -7.74 -34.12
C ILE F 22 8.89 -7.92 -35.23
N VAL F 23 8.22 -6.82 -35.59
CA VAL F 23 7.36 -6.76 -36.77
C VAL F 23 7.67 -5.44 -37.47
N GLY F 24 8.07 -5.52 -38.73
CA GLY F 24 8.50 -4.32 -39.44
C GLY F 24 9.75 -3.76 -38.81
N ASN F 25 9.76 -2.44 -38.58
CA ASN F 25 10.87 -1.77 -37.92
C ASN F 25 10.61 -1.54 -36.43
N LEU F 26 9.64 -2.22 -35.86
CA LEU F 26 9.25 -2.04 -34.47
C LEU F 26 9.64 -3.25 -33.64
N LEU F 27 10.31 -3.00 -32.52
CA LEU F 27 10.64 -4.03 -31.54
C LEU F 27 9.68 -3.90 -30.36
N PHE F 28 9.00 -4.99 -30.02
CA PHE F 28 8.15 -5.06 -28.85
C PHE F 28 8.86 -5.92 -27.81
N ALA F 29 9.39 -5.27 -26.77
CA ALA F 29 10.13 -5.97 -25.73
C ALA F 29 9.22 -6.30 -24.57
N SER F 30 9.45 -7.48 -23.98
CA SER F 30 8.73 -7.88 -22.79
C SER F 30 9.11 -6.99 -21.61
N GLY F 31 8.22 -6.92 -20.62
CA GLY F 31 8.50 -6.17 -19.42
C GLY F 31 9.68 -6.74 -18.66
N GLN F 32 10.63 -5.88 -18.30
CA GLN F 32 11.86 -6.30 -17.64
C GLN F 32 11.81 -5.93 -16.16
N ILE F 33 12.19 -6.87 -15.31
CA ILE F 33 12.22 -6.66 -13.87
C ILE F 33 13.67 -6.69 -13.42
N PRO F 34 14.02 -6.09 -12.25
CA PRO F 34 15.43 -6.03 -11.85
C PRO F 34 16.02 -7.40 -11.53
N LEU F 35 16.00 -8.30 -12.50
CA LEU F 35 16.49 -9.65 -12.32
C LEU F 35 17.86 -9.79 -12.98
N SER F 36 18.76 -10.48 -12.30
CA SER F 36 20.11 -10.68 -12.83
C SER F 36 20.09 -11.76 -13.90
N PRO F 37 20.72 -11.53 -15.06
CA PRO F 37 20.78 -12.60 -16.06
C PRO F 37 21.67 -13.76 -15.64
N GLU F 38 22.74 -13.51 -14.89
CA GLU F 38 23.70 -14.57 -14.57
C GLU F 38 23.26 -15.39 -13.36
N THR F 39 23.07 -14.73 -12.22
CA THR F 39 22.70 -15.45 -11.00
C THR F 39 21.20 -15.55 -10.78
N GLY F 40 20.39 -14.86 -11.58
CA GLY F 40 18.95 -15.02 -11.51
C GLY F 40 18.32 -14.52 -10.23
N GLU F 41 18.98 -13.65 -9.50
CA GLU F 41 18.45 -13.09 -8.27
C GLU F 41 18.05 -11.64 -8.48
N ILE F 42 17.23 -11.14 -7.55
CA ILE F 42 16.81 -9.74 -7.61
C ILE F 42 17.98 -8.86 -7.25
N ILE F 43 18.38 -7.97 -8.17
CA ILE F 43 19.46 -7.04 -7.93
C ILE F 43 18.88 -5.75 -7.34
N GLY F 44 19.33 -5.39 -6.15
CA GLY F 44 18.94 -4.13 -5.56
C GLY F 44 17.80 -4.22 -4.56
N THR F 45 17.90 -3.46 -3.48
CA THR F 45 16.85 -3.34 -2.48
C THR F 45 16.17 -1.98 -2.48
N THR F 46 16.68 -1.03 -3.28
CA THR F 46 16.11 0.29 -3.41
C THR F 46 15.57 0.48 -4.83
N ILE F 47 14.76 1.51 -5.01
CA ILE F 47 14.22 1.79 -6.34
C ILE F 47 15.34 2.19 -7.29
N GLU F 48 16.37 2.89 -6.80
CA GLU F 48 17.46 3.32 -7.66
C GLU F 48 18.26 2.14 -8.20
N GLU F 49 18.62 1.20 -7.33
CA GLU F 49 19.40 0.04 -7.76
C GLU F 49 18.57 -0.88 -8.67
N GLN F 50 17.30 -1.10 -8.32
CA GLN F 50 16.47 -1.96 -9.15
C GLN F 50 16.21 -1.34 -10.51
N THR F 51 16.05 -0.02 -10.57
CA THR F 51 15.88 0.66 -11.85
C THR F 51 17.11 0.49 -12.73
N GLN F 52 18.30 0.54 -12.13
CA GLN F 52 19.52 0.39 -12.91
C GLN F 52 19.61 -1.00 -13.53
N GLN F 53 19.22 -2.03 -12.78
CA GLN F 53 19.23 -3.39 -13.33
C GLN F 53 18.22 -3.53 -14.46
N VAL F 54 17.05 -2.90 -14.33
CA VAL F 54 16.05 -2.94 -15.40
C VAL F 54 16.60 -2.31 -16.67
N LEU F 55 17.25 -1.15 -16.53
CA LEU F 55 17.85 -0.50 -17.69
C LEU F 55 18.94 -1.37 -18.33
N LYS F 56 19.68 -2.12 -17.52
CA LYS F 56 20.67 -3.04 -18.08
C LYS F 56 19.99 -4.15 -18.88
N ASN F 57 18.91 -4.72 -18.34
CA ASN F 57 18.21 -5.78 -19.05
C ASN F 57 17.53 -5.26 -20.30
N VAL F 58 16.95 -4.06 -20.23
CA VAL F 58 16.34 -3.47 -21.41
C VAL F 58 17.40 -3.16 -22.47
N SER F 59 18.57 -2.68 -22.03
CA SER F 59 19.63 -2.35 -22.97
C SER F 59 20.11 -3.60 -23.69
N ALA F 60 20.23 -4.73 -22.97
CA ALA F 60 20.65 -5.98 -23.59
C ALA F 60 19.69 -6.40 -24.69
N ILE F 61 18.39 -6.23 -24.47
CA ILE F 61 17.40 -6.58 -25.48
C ILE F 61 17.48 -5.62 -26.66
N LEU F 62 17.66 -4.32 -26.37
CA LEU F 62 17.81 -3.34 -27.44
C LEU F 62 19.04 -3.63 -28.28
N GLU F 63 20.17 -3.93 -27.65
CA GLU F 63 21.38 -4.21 -28.40
C GLU F 63 21.22 -5.44 -29.28
N ALA F 64 20.68 -6.53 -28.72
CA ALA F 64 20.41 -7.74 -29.48
C ALA F 64 19.50 -7.49 -30.68
N ALA F 65 18.64 -6.47 -30.62
CA ALA F 65 17.75 -6.16 -31.73
C ALA F 65 18.33 -5.13 -32.69
N GLY F 66 19.55 -4.67 -32.45
CA GLY F 66 20.15 -3.67 -33.32
C GLY F 66 19.59 -2.28 -33.14
N THR F 67 19.23 -1.91 -31.91
CA THR F 67 18.68 -0.60 -31.60
C THR F 67 19.20 -0.16 -30.24
N ASP F 68 18.76 1.02 -29.79
CA ASP F 68 19.30 1.60 -28.57
C ASP F 68 18.22 2.44 -27.90
N PHE F 69 18.56 3.01 -26.74
CA PHE F 69 17.60 3.80 -25.97
C PHE F 69 17.10 4.99 -26.78
N ASP F 70 17.97 5.61 -27.57
CA ASP F 70 17.61 6.82 -28.29
C ASP F 70 16.52 6.57 -29.32
N HIS F 71 16.29 5.31 -29.71
CA HIS F 71 15.28 4.99 -30.71
C HIS F 71 14.08 4.27 -30.12
N VAL F 72 13.98 4.19 -28.79
CA VAL F 72 12.75 3.77 -28.15
C VAL F 72 11.68 4.81 -28.42
N VAL F 73 10.48 4.35 -28.76
CA VAL F 73 9.37 5.25 -29.08
C VAL F 73 8.38 5.36 -27.93
N LYS F 74 8.10 4.25 -27.25
CA LYS F 74 7.13 4.23 -26.16
C LYS F 74 7.64 3.32 -25.05
N ALA F 75 7.57 3.82 -23.82
CA ALA F 75 7.95 3.05 -22.63
C ALA F 75 6.83 3.11 -21.62
N THR F 76 6.48 1.96 -21.05
CA THR F 76 5.50 1.88 -19.97
C THR F 76 6.21 1.40 -18.71
N CYS F 77 6.10 2.18 -17.64
CA CYS F 77 6.80 1.92 -16.39
C CYS F 77 5.80 1.54 -15.31
N PHE F 78 5.90 0.31 -14.81
CA PHE F 78 5.04 -0.17 -13.74
C PHE F 78 5.79 -0.08 -12.42
N LEU F 79 5.27 0.71 -11.50
CA LEU F 79 5.85 0.87 -10.17
C LEU F 79 4.99 0.19 -9.12
N SER F 80 5.64 -0.34 -8.09
CA SER F 80 4.90 -0.86 -6.94
C SER F 80 4.52 0.23 -5.96
N ASP F 81 5.11 1.41 -6.07
CA ASP F 81 4.80 2.54 -5.20
C ASP F 81 5.09 3.81 -5.97
N ILE F 82 4.05 4.61 -6.25
CA ILE F 82 4.21 5.80 -7.06
C ILE F 82 5.09 6.84 -6.38
N ASN F 83 5.29 6.74 -5.07
CA ASN F 83 6.19 7.66 -4.37
C ASN F 83 7.65 7.43 -4.72
N ASP F 84 7.98 6.29 -5.35
CA ASP F 84 9.32 6.04 -5.85
C ASP F 84 9.61 6.71 -7.18
N PHE F 85 8.60 7.36 -7.78
CA PHE F 85 8.74 7.87 -9.14
C PHE F 85 9.85 8.91 -9.25
N VAL F 86 10.01 9.75 -8.22
CA VAL F 86 11.04 10.78 -8.25
C VAL F 86 12.42 10.13 -8.33
N ALA F 87 12.73 9.24 -7.40
CA ALA F 87 14.02 8.54 -7.46
C ALA F 87 14.13 7.69 -8.71
N PHE F 88 13.03 7.06 -9.14
CA PHE F 88 13.05 6.30 -10.39
C PHE F 88 13.38 7.20 -11.57
N ASN F 89 12.87 8.43 -11.57
CA ASN F 89 13.09 9.32 -12.71
C ASN F 89 14.54 9.74 -12.85
N GLU F 90 15.26 9.89 -11.72
CA GLU F 90 16.67 10.28 -11.80
C GLU F 90 17.52 9.21 -12.47
N VAL F 91 17.24 7.95 -12.18
CA VAL F 91 18.00 6.86 -12.82
C VAL F 91 17.54 6.65 -14.25
N TYR F 92 16.23 6.69 -14.48
CA TYR F 92 15.68 6.43 -15.81
C TYR F 92 16.20 7.42 -16.83
N LYS F 93 16.50 8.65 -16.42
CA LYS F 93 16.94 9.67 -17.37
C LYS F 93 18.35 9.43 -17.87
N THR F 94 19.17 8.68 -17.12
CA THR F 94 20.56 8.49 -17.51
C THR F 94 20.73 7.51 -18.66
N ALA F 95 19.68 6.77 -19.02
CA ALA F 95 19.78 5.80 -20.11
C ALA F 95 19.77 6.45 -21.48
N PHE F 96 19.34 7.69 -21.59
CA PHE F 96 19.22 8.38 -22.86
C PHE F 96 20.21 9.53 -22.94
N THR F 97 20.47 9.98 -24.17
CA THR F 97 21.40 11.08 -24.38
C THR F 97 20.83 12.09 -25.37
N GLU F 98 20.33 11.62 -26.51
CA GLU F 98 19.79 12.49 -27.55
C GLU F 98 18.26 12.63 -27.46
N ALA F 99 17.55 11.51 -27.47
CA ALA F 99 16.10 11.52 -27.57
C ALA F 99 15.46 10.89 -26.34
N PHE F 100 14.27 11.36 -26.01
CA PHE F 100 13.39 10.84 -24.98
C PHE F 100 12.16 10.21 -25.62
N PRO F 101 11.72 9.04 -25.16
CA PRO F 101 10.52 8.43 -25.70
C PRO F 101 9.27 8.84 -24.94
N ALA F 102 8.13 8.67 -25.61
CA ALA F 102 6.85 8.80 -24.93
C ALA F 102 6.77 7.79 -23.79
N ARG F 103 6.03 8.15 -22.74
CA ARG F 103 6.07 7.35 -21.54
C ARG F 103 4.71 7.36 -20.84
N SER F 104 4.42 6.25 -20.16
CA SER F 104 3.34 6.18 -19.19
C SER F 104 3.87 5.49 -17.94
N ALA F 105 3.45 5.97 -16.78
CA ALA F 105 3.91 5.44 -15.50
C ALA F 105 2.73 5.33 -14.55
N VAL F 106 2.45 4.10 -14.09
CA VAL F 106 1.36 3.84 -13.18
C VAL F 106 1.87 2.99 -12.03
N GLU F 107 1.16 3.04 -10.91
CA GLU F 107 1.40 2.15 -9.78
C GLU F 107 0.42 0.98 -9.86
N VAL F 108 0.96 -0.23 -10.00
CA VAL F 108 0.13 -1.42 -10.03
C VAL F 108 0.02 -1.96 -8.61
N ALA F 109 -0.81 -3.00 -8.42
CA ALA F 109 -0.97 -3.58 -7.10
C ALA F 109 0.23 -4.45 -6.74
N ARG F 110 0.78 -5.18 -7.71
CA ARG F 110 1.89 -6.08 -7.44
C ARG F 110 2.60 -6.39 -8.76
N LEU F 111 3.91 -6.60 -8.66
CA LEU F 111 4.77 -6.95 -9.77
C LEU F 111 5.36 -8.33 -9.56
N PRO F 112 5.82 -8.98 -10.62
CA PRO F 112 6.44 -10.31 -10.45
C PRO F 112 7.59 -10.26 -9.46
N LYS F 113 7.58 -11.23 -8.54
CA LYS F 113 8.60 -11.38 -7.51
C LYS F 113 8.70 -10.15 -6.59
N ASP F 114 7.61 -9.37 -6.54
CA ASP F 114 7.48 -8.26 -5.59
C ASP F 114 8.52 -7.17 -5.83
N VAL F 115 8.96 -7.00 -7.07
CA VAL F 115 9.94 -5.97 -7.41
C VAL F 115 9.27 -4.60 -7.38
N LYS F 116 10.09 -3.55 -7.46
CA LYS F 116 9.58 -2.18 -7.37
C LYS F 116 9.34 -1.52 -8.72
N ILE F 117 9.94 -2.04 -9.79
CA ILE F 117 9.89 -1.38 -11.10
C ILE F 117 9.89 -2.45 -12.19
N GLU F 118 9.07 -2.23 -13.22
CA GLU F 118 9.09 -3.04 -14.43
C GLU F 118 8.83 -2.12 -15.61
N ILE F 119 9.65 -2.26 -16.65
CA ILE F 119 9.60 -1.38 -17.81
C ILE F 119 9.48 -2.22 -19.07
N GLU F 120 8.45 -1.96 -19.86
CA GLU F 120 8.32 -2.50 -21.20
C GLU F 120 8.47 -1.37 -22.21
N VAL F 121 9.21 -1.64 -23.28
CA VAL F 121 9.54 -0.61 -24.26
C VAL F 121 9.16 -1.07 -25.65
N ILE F 122 8.78 -0.11 -26.48
CA ILE F 122 8.65 -0.28 -27.93
C ILE F 122 9.72 0.57 -28.58
N ALA F 123 10.49 -0.01 -29.50
CA ALA F 123 11.63 0.67 -30.08
C ALA F 123 11.61 0.55 -31.60
N GLU F 124 12.19 1.55 -32.26
CA GLU F 124 12.33 1.55 -33.71
C GLU F 124 13.67 0.96 -34.10
N ILE F 125 13.68 0.20 -35.19
CA ILE F 125 14.89 -0.44 -35.70
C ILE F 125 15.22 0.17 -37.05
N LEU F 126 16.40 0.77 -37.14
CA LEU F 126 16.84 1.40 -38.38
C LEU F 126 17.59 0.41 -39.27
#